data_6SXR
#
_entry.id   6SXR
#
_cell.length_a   111.970
_cell.length_b   111.970
_cell.length_c   341.390
_cell.angle_alpha   90.000
_cell.angle_beta   90.000
_cell.angle_gamma   120.000
#
_symmetry.space_group_name_H-M   'H 3 2'
#
loop_
_entity.id
_entity.type
_entity.pdbx_description
1 polymer 'Alpha-L-arabinofuranosidase B'
2 branched 2-acetamido-2-deoxy-beta-D-glucopyranose-(1-4)-2-acetamido-2-deoxy-beta-D-glucopyranose
3 non-polymer 2-acetamido-2-deoxy-beta-D-glucopyranose
4 non-polymer 'SULFATE ION'
5 non-polymer 'ACETATE ION'
6 non-polymer '4-nitrophenyl alpha-L-arabinofuranoside'
7 non-polymer 1,2-ETHANEDIOL
8 non-polymer DI(HYDROXYETHYL)ETHER
9 non-polymer 'TRIETHYLENE GLYCOL'
10 non-polymer 'PENTAETHYLENE GLYCOL'
11 water water
#
_entity_poly.entity_id   1
_entity_poly.type   'polypeptide(L)'
_entity_poly.pdbx_seq_one_letter_code
;MGPCDIYEAGDTPCVAAHSTTRALYSSFSGALYQLQRGSDDTTTTISPLTAGGIADASAQDTFCANTTCLITIIYDQSGN
GNHLTQAPPGGFDGPDTDGYDNLASAIGAPVTLNGQKAYGVFMSPGTGYRNNEATGTATGDEAEGMYAVLDGTHYNDACC
FDYGNAETSSTDTGAGHMEAIYLGNSTTWGYGAGDGPWIMVDMQNNLFSGADEGYNSGDPSISYRFVTAAVKGGADKWAI
RGANAASGSLSTYYSGARPDYSGYNPMSKEGAIILGIGGDNSNGAQGTFYEGVMTSGYPSDDTENSVQENIVAAKYVVGS
LVSGPSFTSGEVVSLRVTTPGYTTRYIAHTDTTVNTQVVDDDSSTTLKEEASWTVVTGLANSQCFSFESVDTPGSYIRHY
NFELLLNANDGTKQFHEDATFCPQAALNGEGTSLRSWSYPTRYFRHYENVLYAASNGGVQTFDSKTSFNNDVSFEIETAF
AS
;
_entity_poly.pdbx_strand_id   A
#
loop_
_chem_comp.id
_chem_comp.type
_chem_comp.name
_chem_comp.formula
1PE non-polymer 'PENTAETHYLENE GLYCOL' 'C10 H22 O6'
ACT non-polymer 'ACETATE ION' 'C2 H3 O2 -1'
EDO non-polymer 1,2-ETHANEDIOL 'C2 H6 O2'
KHP L-saccharide '4-nitrophenyl alpha-L-arabinofuranoside' 'C11 H13 N O7'
NAG D-saccharide, beta linking 2-acetamido-2-deoxy-beta-D-glucopyranose 'C8 H15 N O6'
PEG non-polymer DI(HYDROXYETHYL)ETHER 'C4 H10 O3'
PGE non-polymer 'TRIETHYLENE GLYCOL' 'C6 H14 O4'
SO4 non-polymer 'SULFATE ION' 'O4 S -2'
#
# COMPACT_ATOMS: atom_id res chain seq x y z
N MET A 1 -20.38 -16.91 -10.00
CA MET A 1 -20.84 -15.63 -9.41
C MET A 1 -19.63 -14.96 -8.72
N GLY A 2 -19.34 -13.69 -9.01
CA GLY A 2 -18.33 -12.93 -8.27
C GLY A 2 -18.98 -12.15 -7.13
N PRO A 3 -18.18 -11.51 -6.27
CA PRO A 3 -18.73 -10.75 -5.14
C PRO A 3 -19.91 -9.85 -5.48
N CYS A 4 -19.82 -9.06 -6.57
CA CYS A 4 -20.91 -8.11 -6.89
C CYS A 4 -22.18 -8.82 -7.42
N ASP A 5 -22.02 -9.99 -8.05
CA ASP A 5 -23.18 -10.82 -8.45
C ASP A 5 -23.92 -11.28 -7.17
N ILE A 6 -23.16 -11.62 -6.14
CA ILE A 6 -23.68 -12.13 -4.84
C ILE A 6 -24.43 -10.98 -4.15
N TYR A 7 -23.84 -9.79 -4.12
CA TYR A 7 -24.50 -8.61 -3.51
C TYR A 7 -25.79 -8.32 -4.27
N GLU A 8 -25.75 -8.40 -5.59
CA GLU A 8 -26.97 -8.14 -6.40
C GLU A 8 -28.05 -9.16 -6.05
N ALA A 9 -27.68 -10.44 -5.92
CA ALA A 9 -28.67 -11.52 -5.64
C ALA A 9 -29.30 -11.26 -4.27
N GLY A 10 -28.62 -10.55 -3.36
CA GLY A 10 -29.14 -10.18 -2.02
C GLY A 10 -29.92 -8.89 -2.05
N ASP A 11 -30.17 -8.33 -3.22
CA ASP A 11 -30.86 -7.05 -3.47
C ASP A 11 -30.14 -5.91 -2.73
N THR A 12 -28.81 -5.98 -2.62
CA THR A 12 -27.98 -4.87 -2.08
C THR A 12 -26.81 -4.73 -3.03
N PRO A 13 -27.04 -4.21 -4.25
CA PRO A 13 -26.08 -4.26 -5.34
C PRO A 13 -24.90 -3.32 -5.12
N CYS A 14 -23.77 -3.71 -5.67
CA CYS A 14 -22.56 -2.86 -5.68
C CYS A 14 -22.86 -1.56 -6.45
N VAL A 15 -22.43 -0.45 -5.89
CA VAL A 15 -22.44 0.86 -6.57
C VAL A 15 -21.02 1.35 -6.81
N ALA A 16 -20.01 0.67 -6.27
CA ALA A 16 -18.60 0.94 -6.60
C ALA A 16 -17.85 -0.39 -6.39
N ALA A 17 -17.03 -0.78 -7.34
CA ALA A 17 -16.34 -2.08 -7.29
C ALA A 17 -14.92 -1.89 -7.79
N HIS A 18 -13.95 -2.06 -6.90
CA HIS A 18 -12.55 -1.67 -7.16
C HIS A 18 -11.61 -2.84 -6.90
N SER A 19 -10.83 -3.23 -7.88
CA SER A 19 -9.77 -4.24 -7.66
C SER A 19 -8.71 -4.12 -8.73
N THR A 20 -7.45 -4.22 -8.31
CA THR A 20 -6.32 -4.38 -9.22
C THR A 20 -6.00 -5.86 -9.41
N THR A 21 -6.57 -6.76 -8.62
CA THR A 21 -6.26 -8.20 -8.72
C THR A 21 -7.23 -8.96 -9.60
N ARG A 22 -8.52 -8.63 -9.60
CA ARG A 22 -9.49 -9.47 -10.31
C ARG A 22 -10.80 -8.74 -10.60
N ALA A 23 -11.52 -9.30 -11.55
CA ALA A 23 -12.93 -8.93 -11.81
C ALA A 23 -13.79 -9.30 -10.61
N LEU A 24 -14.76 -8.46 -10.25
CA LEU A 24 -15.67 -8.70 -9.11
C LEU A 24 -17.08 -9.07 -9.60
N TYR A 25 -17.28 -9.09 -10.92
CA TYR A 25 -18.50 -9.63 -11.58
C TYR A 25 -18.07 -10.73 -12.53
N SER A 26 -18.86 -11.81 -12.62
CA SER A 26 -18.51 -12.96 -13.45
C SER A 26 -18.46 -12.52 -14.92
N SER A 27 -19.15 -11.49 -15.32
CA SER A 27 -19.13 -11.15 -16.76
C SER A 27 -18.25 -9.93 -17.04
N PHE A 28 -17.55 -9.39 -16.05
CA PHE A 28 -16.74 -8.16 -16.29
C PHE A 28 -15.45 -8.52 -17.05
N SER A 29 -15.21 -7.83 -18.18
CA SER A 29 -14.00 -8.05 -19.00
C SER A 29 -13.33 -6.71 -19.32
N GLY A 30 -13.76 -5.63 -18.67
CA GLY A 30 -13.23 -4.29 -18.92
C GLY A 30 -11.94 -4.01 -18.14
N ALA A 31 -11.47 -2.78 -18.16
CA ALA A 31 -10.22 -2.40 -17.49
C ALA A 31 -10.45 -2.42 -15.96
N LEU A 32 -9.49 -2.99 -15.25
CA LEU A 32 -9.43 -3.05 -13.79
C LEU A 32 -8.72 -1.81 -13.27
N TYR A 33 -7.64 -1.41 -13.93
CA TYR A 33 -6.83 -0.25 -13.49
C TYR A 33 -6.00 0.27 -14.64
N GLN A 34 -5.48 1.47 -14.42
CA GLN A 34 -4.57 2.17 -15.37
C GLN A 34 -3.19 2.30 -14.71
N LEU A 35 -2.19 2.09 -15.54
CA LEU A 35 -0.76 2.26 -15.24
C LEU A 35 -0.21 3.48 -15.95
N GLN A 36 0.72 4.15 -15.32
CA GLN A 36 1.58 5.16 -16.01
C GLN A 36 3.03 4.79 -15.77
N ARG A 37 3.83 4.77 -16.82
CA ARG A 37 5.25 4.38 -16.70
C ARG A 37 6.13 5.63 -16.75
N GLY A 38 7.24 5.58 -16.03
CA GLY A 38 8.12 6.75 -15.92
C GLY A 38 8.93 7.06 -17.17
N SER A 39 9.23 6.06 -18.00
CA SER A 39 10.11 6.19 -19.19
C SER A 39 9.56 7.22 -20.17
N ASP A 40 8.26 7.20 -20.47
CA ASP A 40 7.64 8.15 -21.43
C ASP A 40 6.36 8.81 -20.88
N ASP A 41 5.99 8.56 -19.62
CA ASP A 41 4.79 9.11 -18.96
C ASP A 41 3.50 8.69 -19.67
N THR A 42 3.53 7.66 -20.49
CA THR A 42 2.32 7.15 -21.15
C THR A 42 1.63 6.14 -20.24
N THR A 43 0.39 5.84 -20.60
CA THR A 43 -0.47 4.96 -19.79
C THR A 43 -0.91 3.74 -20.59
N THR A 44 -1.38 2.73 -19.88
CA THR A 44 -2.08 1.59 -20.47
C THR A 44 -3.08 1.10 -19.43
N THR A 45 -3.97 0.24 -19.85
CA THR A 45 -4.93 -0.42 -18.92
C THR A 45 -4.61 -1.89 -18.80
N ILE A 46 -5.01 -2.42 -17.67
CA ILE A 46 -4.89 -3.86 -17.36
C ILE A 46 -6.32 -4.37 -17.15
N SER A 47 -6.67 -5.40 -17.89
CA SER A 47 -7.98 -6.09 -17.85
C SER A 47 -7.77 -7.49 -17.29
N PRO A 48 -8.86 -8.20 -16.95
CA PRO A 48 -8.78 -9.61 -16.59
C PRO A 48 -8.38 -10.43 -17.82
N LEU A 49 -7.75 -11.56 -17.59
CA LEU A 49 -7.34 -12.47 -18.70
C LEU A 49 -8.52 -13.17 -19.32
N THR A 50 -9.58 -13.38 -18.55
CA THR A 50 -10.84 -13.97 -19.00
C THR A 50 -11.97 -13.15 -18.38
N ALA A 51 -13.17 -13.19 -18.95
CA ALA A 51 -14.31 -12.50 -18.30
C ALA A 51 -14.48 -13.05 -16.88
N GLY A 52 -14.63 -12.19 -15.87
CA GLY A 52 -14.78 -12.67 -14.48
C GLY A 52 -13.50 -13.17 -13.88
N GLY A 53 -12.35 -12.96 -14.56
CA GLY A 53 -11.09 -13.58 -14.16
C GLY A 53 -10.11 -12.65 -13.45
N ILE A 54 -8.85 -13.03 -13.53
CA ILE A 54 -7.73 -12.40 -12.78
C ILE A 54 -7.04 -11.41 -13.70
N ALA A 55 -6.54 -10.33 -13.13
CA ALA A 55 -5.74 -9.30 -13.80
C ALA A 55 -4.63 -9.93 -14.65
N ASP A 56 -4.39 -9.35 -15.82
CA ASP A 56 -3.25 -9.73 -16.70
C ASP A 56 -1.94 -9.12 -16.17
N ALA A 57 -1.39 -9.73 -15.14
CA ALA A 57 -0.12 -9.26 -14.51
C ALA A 57 1.02 -9.29 -15.53
N SER A 58 1.01 -10.23 -16.47
CA SER A 58 2.06 -10.34 -17.49
C SER A 58 2.08 -9.06 -18.35
N ALA A 59 0.89 -8.52 -18.65
CA ALA A 59 0.78 -7.28 -19.44
C ALA A 59 1.36 -6.10 -18.65
N GLN A 60 1.15 -6.05 -17.33
CA GLN A 60 1.80 -5.01 -16.50
C GLN A 60 3.33 -5.16 -16.56
N ASP A 61 3.85 -6.36 -16.33
CA ASP A 61 5.31 -6.59 -16.31
C ASP A 61 5.90 -6.10 -17.64
N THR A 62 5.21 -6.38 -18.75
CA THR A 62 5.69 -6.00 -20.10
C THR A 62 5.71 -4.47 -20.22
N PHE A 63 4.63 -3.82 -19.85
CA PHE A 63 4.54 -2.34 -19.95
C PHE A 63 5.59 -1.66 -19.09
N CYS A 64 5.88 -2.22 -17.91
CA CYS A 64 6.68 -1.59 -16.85
C CYS A 64 8.15 -2.03 -16.92
N ALA A 65 8.53 -2.82 -17.92
CA ALA A 65 9.90 -3.34 -18.02
C ALA A 65 10.89 -2.18 -18.13
N ASN A 66 12.03 -2.31 -17.45
CA ASN A 66 13.12 -1.30 -17.55
C ASN A 66 12.60 0.09 -17.21
N THR A 67 11.60 0.22 -16.34
CA THR A 67 11.16 1.52 -15.85
C THR A 67 10.41 1.33 -14.56
N THR A 68 9.70 2.35 -14.17
CA THR A 68 8.85 2.36 -12.95
C THR A 68 7.40 2.60 -13.39
N CYS A 69 6.44 2.11 -12.61
CA CYS A 69 5.01 2.28 -12.88
C CYS A 69 4.29 2.70 -11.60
N LEU A 70 3.30 3.54 -11.82
CA LEU A 70 2.30 4.01 -10.86
C LEU A 70 0.91 3.55 -11.32
N ILE A 71 0.07 3.26 -10.35
CA ILE A 71 -1.37 3.00 -10.60
C ILE A 71 -2.07 4.33 -10.57
N THR A 72 -2.50 4.81 -11.74
CA THR A 72 -3.12 6.13 -11.85
C THR A 72 -4.61 6.06 -11.57
N ILE A 73 -5.28 4.96 -11.95
CA ILE A 73 -6.74 4.87 -11.81
C ILE A 73 -7.08 3.45 -11.36
N ILE A 74 -7.96 3.34 -10.36
CA ILE A 74 -8.60 2.05 -10.05
C ILE A 74 -10.03 2.19 -10.53
N TYR A 75 -10.37 1.50 -11.61
CA TYR A 75 -11.72 1.70 -12.22
C TYR A 75 -12.80 1.07 -11.38
N ASP A 76 -13.95 1.69 -11.44
CA ASP A 76 -15.21 1.16 -10.87
C ASP A 76 -15.81 0.18 -11.86
N GLN A 77 -15.86 -1.10 -11.51
CA GLN A 77 -16.36 -2.16 -12.39
C GLN A 77 -17.91 -2.13 -12.50
N SER A 78 -18.61 -1.42 -11.62
CA SER A 78 -20.08 -1.47 -11.48
C SER A 78 -20.78 -0.71 -12.61
N GLY A 79 -20.08 0.16 -13.33
CA GLY A 79 -20.70 0.97 -14.39
C GLY A 79 -21.22 2.30 -13.90
N ASN A 80 -21.07 2.64 -12.61
CA ASN A 80 -21.51 3.93 -12.03
C ASN A 80 -20.47 5.04 -12.32
N GLY A 81 -19.28 4.70 -12.82
CA GLY A 81 -18.25 5.72 -13.09
C GLY A 81 -17.47 6.13 -11.88
N ASN A 82 -17.49 5.37 -10.77
CA ASN A 82 -16.89 5.79 -9.50
C ASN A 82 -15.40 5.42 -9.44
N HIS A 83 -14.65 5.78 -10.46
CA HIS A 83 -13.21 5.43 -10.56
C HIS A 83 -12.42 6.19 -9.49
N LEU A 84 -11.42 5.53 -8.93
CA LEU A 84 -10.53 6.16 -7.93
C LEU A 84 -9.29 6.72 -8.64
N THR A 85 -9.04 8.00 -8.40
CA THR A 85 -7.90 8.76 -8.98
C THR A 85 -7.08 9.44 -7.86
N GLN A 86 -5.95 10.00 -8.23
CA GLN A 86 -5.02 10.67 -7.28
C GLN A 86 -5.83 11.60 -6.38
N ALA A 87 -5.67 11.46 -5.07
CA ALA A 87 -6.51 12.19 -4.10
C ALA A 87 -6.00 13.64 -4.01
N PRO A 88 -6.94 14.58 -4.00
CA PRO A 88 -6.62 16.01 -3.94
C PRO A 88 -6.38 16.49 -2.53
N PRO A 89 -5.76 17.68 -2.40
CA PRO A 89 -5.61 18.31 -1.11
C PRO A 89 -6.97 18.58 -0.48
N GLY A 90 -6.99 18.59 0.84
CA GLY A 90 -8.20 18.93 1.60
C GLY A 90 -7.84 19.66 2.88
N GLY A 91 -8.39 19.26 4.01
CA GLY A 91 -7.98 19.76 5.33
C GLY A 91 -6.48 19.73 5.48
N PHE A 92 -5.86 18.63 5.07
CA PHE A 92 -4.40 18.45 5.00
C PHE A 92 -3.97 18.37 3.54
N ASP A 93 -2.78 18.91 3.30
CA ASP A 93 -2.13 18.75 1.98
C ASP A 93 -1.46 17.40 1.95
N GLY A 94 -1.45 16.79 0.78
CA GLY A 94 -0.55 15.67 0.49
C GLY A 94 0.83 16.19 0.10
N PRO A 95 1.80 15.28 -0.08
CA PRO A 95 3.18 15.67 -0.39
C PRO A 95 3.52 15.82 -1.87
N ASP A 96 2.56 15.62 -2.76
CA ASP A 96 2.79 15.59 -4.22
C ASP A 96 2.46 17.00 -4.76
N THR A 97 2.56 17.17 -6.07
CA THR A 97 2.29 18.44 -6.76
C THR A 97 0.97 19.05 -6.32
N ASP A 98 0.97 20.36 -6.01
CA ASP A 98 -0.25 21.11 -5.65
C ASP A 98 -0.96 20.51 -4.43
N GLY A 99 -0.24 19.79 -3.59
CA GLY A 99 -0.77 19.17 -2.36
C GLY A 99 -1.67 17.96 -2.65
N TYR A 100 -1.62 17.42 -3.87
CA TYR A 100 -2.20 16.08 -4.15
C TYR A 100 -1.44 15.04 -3.33
N ASP A 101 -2.08 13.87 -3.17
CA ASP A 101 -1.42 12.73 -2.54
C ASP A 101 -0.62 11.99 -3.61
N ASN A 102 0.32 11.16 -3.18
CA ASN A 102 1.10 10.29 -4.08
C ASN A 102 0.19 9.19 -4.67
N LEU A 103 0.48 8.79 -5.90
CA LEU A 103 0.02 7.51 -6.45
C LEU A 103 0.85 6.36 -5.91
N ALA A 104 0.26 5.16 -5.89
CA ALA A 104 0.95 3.94 -5.47
C ALA A 104 1.80 3.40 -6.60
N SER A 105 2.88 2.76 -6.22
CA SER A 105 3.66 1.86 -7.08
C SER A 105 2.70 0.83 -7.63
N ALA A 106 3.01 0.27 -8.81
CA ALA A 106 2.27 -0.90 -9.34
C ALA A 106 2.82 -2.20 -8.75
N ILE A 107 3.96 -2.21 -8.03
CA ILE A 107 4.68 -3.49 -7.77
C ILE A 107 4.98 -3.70 -6.30
N GLY A 108 4.37 -2.93 -5.40
CA GLY A 108 4.64 -3.10 -3.97
C GLY A 108 3.89 -4.27 -3.33
N ALA A 109 2.86 -4.83 -4.00
CA ALA A 109 1.98 -5.84 -3.39
C ALA A 109 1.73 -6.97 -4.36
N PRO A 110 2.76 -7.73 -4.71
CA PRO A 110 2.58 -8.93 -5.52
C PRO A 110 1.88 -10.02 -4.72
N VAL A 111 0.95 -10.73 -5.39
CA VAL A 111 0.20 -11.85 -4.81
C VAL A 111 0.05 -12.89 -5.92
N THR A 112 -0.45 -14.05 -5.57
CA THR A 112 -1.10 -14.97 -6.52
C THR A 112 -2.52 -15.19 -6.07
N LEU A 113 -3.40 -15.34 -7.05
CA LEU A 113 -4.80 -15.74 -6.87
C LEU A 113 -4.94 -17.06 -7.60
N ASN A 114 -5.10 -18.12 -6.82
CA ASN A 114 -5.13 -19.53 -7.33
C ASN A 114 -3.93 -19.76 -8.25
N GLY A 115 -2.76 -19.30 -7.84
CA GLY A 115 -1.50 -19.61 -8.54
C GLY A 115 -1.12 -18.61 -9.63
N GLN A 116 -1.99 -17.65 -9.95
CA GLN A 116 -1.79 -16.65 -11.01
C GLN A 116 -1.33 -15.33 -10.39
N LYS A 117 -0.22 -14.76 -10.87
CA LYS A 117 0.31 -13.49 -10.32
C LYS A 117 -0.70 -12.36 -10.53
N ALA A 118 -0.79 -11.50 -9.53
CA ALA A 118 -1.51 -10.23 -9.63
C ALA A 118 -0.85 -9.22 -8.69
N TYR A 119 -1.27 -7.99 -8.81
CA TYR A 119 -0.69 -6.88 -8.03
C TYR A 119 -1.78 -6.10 -7.30
N GLY A 120 -1.56 -5.91 -6.01
CA GLY A 120 -2.38 -5.06 -5.15
C GLY A 120 -1.86 -3.64 -5.11
N VAL A 121 -2.50 -2.82 -4.30
CA VAL A 121 -2.20 -1.37 -4.18
C VAL A 121 -1.50 -1.13 -2.84
N PHE A 122 -0.17 -1.05 -2.87
CA PHE A 122 0.67 -0.85 -1.68
C PHE A 122 0.77 0.65 -1.44
N MET A 123 0.24 1.12 -0.32
CA MET A 123 0.11 2.57 -0.08
C MET A 123 1.01 3.00 1.09
N SER A 124 2.04 3.78 0.75
CA SER A 124 3.01 4.32 1.73
C SER A 124 2.42 5.62 2.30
N PRO A 125 2.89 6.10 3.48
CA PRO A 125 2.41 7.39 3.98
C PRO A 125 2.52 8.50 2.93
N GLY A 126 1.39 9.16 2.70
CA GLY A 126 1.26 10.23 1.71
C GLY A 126 0.57 9.78 0.44
N THR A 127 0.29 8.47 0.30
CA THR A 127 -0.44 7.89 -0.85
C THR A 127 -1.95 8.01 -0.59
N GLY A 128 -2.71 8.27 -1.65
CA GLY A 128 -4.16 8.33 -1.51
C GLY A 128 -4.90 8.39 -2.80
N TYR A 129 -6.11 7.82 -2.81
CA TYR A 129 -7.01 7.88 -3.97
C TYR A 129 -8.38 8.37 -3.49
N ARG A 130 -9.15 8.91 -4.42
CA ARG A 130 -10.45 9.52 -4.07
C ARG A 130 -11.35 9.64 -5.28
N ASN A 131 -12.65 9.72 -5.02
CA ASN A 131 -13.65 10.15 -6.04
C ASN A 131 -14.66 11.01 -5.30
N ASN A 132 -14.59 12.33 -5.48
CA ASN A 132 -15.53 13.26 -4.81
C ASN A 132 -16.79 13.52 -5.66
N GLU A 133 -16.92 12.90 -6.84
CA GLU A 133 -18.07 13.09 -7.75
C GLU A 133 -18.76 11.73 -7.95
N ALA A 134 -18.86 10.96 -6.89
CA ALA A 134 -19.39 9.58 -6.96
C ALA A 134 -20.92 9.63 -7.12
N THR A 135 -21.47 8.66 -7.84
CA THR A 135 -22.89 8.44 -8.24
C THR A 135 -23.36 7.15 -7.58
N GLY A 136 -24.55 7.14 -6.95
CA GLY A 136 -25.17 5.88 -6.49
C GLY A 136 -24.78 5.50 -5.09
N THR A 137 -23.74 6.10 -4.54
CA THR A 137 -23.27 5.79 -3.18
C THR A 137 -24.30 6.33 -2.18
N ALA A 138 -24.39 5.72 -1.01
CA ALA A 138 -25.36 6.12 0.02
C ALA A 138 -25.01 7.52 0.56
N THR A 139 -26.05 8.31 0.79
CA THR A 139 -25.87 9.63 1.43
C THR A 139 -26.85 9.73 2.59
N GLY A 140 -26.64 10.73 3.46
CA GLY A 140 -27.48 10.90 4.64
C GLY A 140 -27.44 9.65 5.48
N ASP A 141 -28.62 9.12 5.81
CA ASP A 141 -28.75 7.95 6.70
C ASP A 141 -29.06 6.72 5.86
N GLU A 142 -28.92 6.80 4.55
CA GLU A 142 -29.22 5.63 3.67
C GLU A 142 -28.27 4.49 4.04
N ALA A 143 -28.75 3.28 3.83
CA ALA A 143 -28.02 2.05 4.14
C ALA A 143 -26.97 1.78 3.08
N GLU A 144 -25.88 1.19 3.53
CA GLU A 144 -24.80 0.70 2.63
C GLU A 144 -24.03 -0.43 3.28
N GLY A 145 -23.44 -1.27 2.46
CA GLY A 145 -22.35 -2.14 2.91
C GLY A 145 -21.07 -1.87 2.16
N MET A 146 -20.01 -2.43 2.65
CA MET A 146 -18.71 -2.38 1.96
C MET A 146 -17.87 -3.56 2.43
N TYR A 147 -16.84 -3.90 1.67
CA TYR A 147 -15.79 -4.78 2.18
C TYR A 147 -14.49 -4.38 1.47
N ALA A 148 -13.38 -4.81 2.04
CA ALA A 148 -12.06 -4.76 1.40
C ALA A 148 -11.28 -5.98 1.81
N VAL A 149 -10.43 -6.49 0.92
CA VAL A 149 -9.38 -7.45 1.29
C VAL A 149 -8.11 -6.62 1.37
N LEU A 150 -7.48 -6.68 2.53
CA LEU A 150 -6.31 -5.86 2.91
C LEU A 150 -5.20 -6.77 3.42
N ASP A 151 -3.99 -6.20 3.49
CA ASP A 151 -2.82 -6.85 4.10
C ASP A 151 -2.88 -6.54 5.60
N GLY A 152 -3.21 -7.53 6.41
CA GLY A 152 -3.34 -7.31 7.85
C GLY A 152 -2.00 -7.02 8.54
N THR A 153 -0.87 -7.12 7.85
CA THR A 153 0.48 -6.91 8.41
C THR A 153 1.09 -5.57 7.94
N HIS A 154 0.41 -4.84 7.05
CA HIS A 154 0.94 -3.56 6.49
C HIS A 154 0.07 -2.43 7.01
N TYR A 155 0.52 -1.72 8.03
CA TYR A 155 -0.33 -0.71 8.70
C TYR A 155 0.58 0.17 9.56
N ASN A 156 0.00 1.25 10.05
CA ASN A 156 0.62 2.06 11.11
C ASN A 156 -0.47 2.64 12.00
N ASP A 157 -0.09 3.63 12.82
CA ASP A 157 -0.98 4.21 13.83
C ASP A 157 -1.36 5.63 13.45
N ALA A 158 -1.07 6.08 12.23
CA ALA A 158 -1.31 7.47 11.83
C ALA A 158 -2.67 7.55 11.15
N CYS A 159 -3.29 8.71 11.16
CA CYS A 159 -4.61 8.85 10.51
C CYS A 159 -4.40 8.97 8.99
N CYS A 160 -5.10 8.19 8.16
CA CYS A 160 -6.01 7.10 8.51
C CYS A 160 -6.02 6.17 7.28
N PHE A 161 -5.90 4.86 7.45
CA PHE A 161 -5.93 3.97 6.27
C PHE A 161 -7.38 3.50 6.10
N ASP A 162 -8.11 4.22 5.29
CA ASP A 162 -9.58 4.05 5.14
C ASP A 162 -9.96 3.54 3.74
N TYR A 163 -11.12 2.88 3.67
CA TYR A 163 -11.78 2.63 2.37
C TYR A 163 -13.27 2.79 2.62
N GLY A 164 -13.90 3.69 1.91
CA GLY A 164 -15.36 3.84 1.97
C GLY A 164 -15.83 5.27 1.83
N ASN A 165 -16.95 5.56 2.49
CA ASN A 165 -17.81 6.74 2.27
C ASN A 165 -17.22 7.93 3.03
N ALA A 166 -17.07 9.08 2.34
CA ALA A 166 -16.43 10.27 2.95
C ALA A 166 -17.01 11.57 2.39
N GLU A 167 -16.42 12.69 2.82
CA GLU A 167 -16.89 14.04 2.45
C GLU A 167 -16.49 14.43 1.03
N THR A 168 -17.36 15.14 0.32
CA THR A 168 -17.12 15.52 -1.10
C THR A 168 -16.13 16.70 -1.17
N SER A 169 -15.97 17.43 -0.06
CA SER A 169 -15.09 18.61 0.00
C SER A 169 -13.65 18.23 0.39
N SER A 170 -13.37 16.99 0.82
CA SER A 170 -12.04 16.57 1.35
C SER A 170 -11.72 17.33 2.64
N THR A 171 -12.75 17.74 3.39
CA THR A 171 -12.56 18.39 4.71
C THR A 171 -13.44 17.71 5.74
N ASP A 172 -13.09 17.93 7.00
CA ASP A 172 -13.88 17.45 8.16
C ASP A 172 -15.14 18.30 8.30
N THR A 173 -16.29 17.75 7.94
CA THR A 173 -17.59 18.46 8.02
C THR A 173 -18.46 17.94 9.18
N GLY A 174 -17.89 17.14 10.06
CA GLY A 174 -18.43 16.81 11.40
C GLY A 174 -18.72 15.32 11.58
N ALA A 175 -19.08 14.99 12.82
CA ALA A 175 -19.58 13.63 13.20
C ALA A 175 -20.65 13.16 12.20
N GLY A 176 -20.48 11.91 11.74
CA GLY A 176 -21.47 11.28 10.86
C GLY A 176 -21.29 11.53 9.38
N HIS A 177 -20.26 12.27 8.96
CA HIS A 177 -20.06 12.64 7.55
C HIS A 177 -19.07 11.69 6.89
N MET A 178 -18.79 10.56 7.54
CA MET A 178 -17.97 9.48 6.95
C MET A 178 -18.59 8.15 7.40
N GLU A 179 -18.32 7.10 6.65
CA GLU A 179 -18.54 5.70 7.07
C GLU A 179 -17.62 4.86 6.22
N ALA A 180 -16.46 4.56 6.76
CA ALA A 180 -15.38 3.88 6.04
C ALA A 180 -14.75 2.82 6.93
N ILE A 181 -14.24 1.76 6.28
CA ILE A 181 -13.34 0.79 6.90
C ILE A 181 -12.04 1.52 7.27
N TYR A 182 -11.55 1.24 8.45
CA TYR A 182 -10.21 1.62 8.91
C TYR A 182 -9.43 0.38 9.30
N LEU A 183 -8.18 0.28 8.90
CA LEU A 183 -7.28 -0.78 9.42
C LEU A 183 -5.96 -0.12 9.87
N GLY A 184 -5.57 -0.37 11.13
CA GLY A 184 -4.29 0.11 11.67
C GLY A 184 -4.31 0.05 13.21
N ASN A 185 -3.28 0.58 13.87
CA ASN A 185 -3.27 0.55 15.34
C ASN A 185 -3.26 1.96 15.92
N SER A 186 -3.92 2.89 15.26
CA SER A 186 -4.31 4.17 15.89
C SER A 186 -5.02 3.88 17.21
N THR A 187 -4.67 4.61 18.29
CA THR A 187 -5.42 4.56 19.57
C THR A 187 -5.82 5.99 19.98
N THR A 188 -5.87 6.91 19.05
CA THR A 188 -6.31 8.30 19.28
C THR A 188 -7.79 8.34 19.60
N TRP A 189 -8.57 7.50 18.96
CA TRP A 189 -10.03 7.43 19.19
C TRP A 189 -10.32 6.01 19.71
N GLY A 190 -10.78 5.12 18.87
CA GLY A 190 -11.13 3.75 19.27
C GLY A 190 -9.97 2.82 19.16
N TYR A 191 -10.09 1.66 19.80
CA TYR A 191 -9.14 0.53 19.69
C TYR A 191 -9.79 -0.69 20.32
N GLY A 192 -9.20 -1.87 20.07
CA GLY A 192 -9.78 -3.11 20.55
C GLY A 192 -8.83 -3.78 21.50
N ALA A 193 -8.97 -5.09 21.61
CA ALA A 193 -8.15 -5.96 22.47
C ALA A 193 -6.75 -6.13 21.89
N GLY A 194 -5.78 -6.37 22.77
CA GLY A 194 -4.39 -6.69 22.37
C GLY A 194 -3.68 -5.46 21.79
N ASP A 195 -2.70 -5.65 20.93
CA ASP A 195 -1.78 -4.58 20.48
C ASP A 195 -2.16 -4.05 19.09
N GLY A 196 -3.19 -4.61 18.43
CA GLY A 196 -3.58 -4.15 17.08
C GLY A 196 -2.85 -4.93 15.99
N PRO A 197 -3.10 -4.62 14.71
CA PRO A 197 -4.03 -3.56 14.34
C PRO A 197 -5.49 -4.02 14.50
N TRP A 198 -6.42 -3.10 14.33
CA TRP A 198 -7.88 -3.31 14.45
C TRP A 198 -8.56 -2.86 13.18
N ILE A 199 -9.62 -3.57 12.82
CA ILE A 199 -10.62 -3.04 11.90
C ILE A 199 -11.52 -2.17 12.75
N MET A 200 -11.70 -0.93 12.31
CA MET A 200 -12.65 -0.03 12.94
C MET A 200 -13.42 0.67 11.84
N VAL A 201 -14.43 1.41 12.25
CA VAL A 201 -15.23 2.22 11.32
C VAL A 201 -14.95 3.69 11.59
N ASP A 202 -14.57 4.37 10.52
CA ASP A 202 -14.31 5.82 10.55
C ASP A 202 -15.64 6.48 10.29
N MET A 203 -16.17 7.18 11.30
CA MET A 203 -17.46 7.91 11.18
C MET A 203 -17.25 9.43 11.28
N GLN A 204 -16.01 9.88 11.19
CA GLN A 204 -15.54 11.30 11.25
C GLN A 204 -15.42 11.72 12.72
N ASN A 205 -14.22 12.19 13.11
CA ASN A 205 -13.89 12.61 14.51
C ASN A 205 -14.02 11.40 15.44
N ASN A 206 -13.86 10.21 14.90
CA ASN A 206 -13.84 8.96 15.69
C ASN A 206 -13.64 7.77 14.74
N LEU A 207 -12.66 6.94 15.06
CA LEU A 207 -12.57 5.53 14.64
C LEU A 207 -13.24 4.73 15.76
N PHE A 208 -14.28 3.98 15.42
CA PHE A 208 -15.03 3.17 16.40
C PHE A 208 -14.67 1.70 16.23
N SER A 209 -14.35 1.09 17.35
CA SER A 209 -14.12 -0.37 17.49
C SER A 209 -15.40 -1.02 18.00
N GLY A 210 -16.45 -0.25 18.14
CA GLY A 210 -17.77 -0.67 18.64
C GLY A 210 -18.58 0.49 19.17
N ALA A 211 -19.57 0.19 20.01
CA ALA A 211 -20.57 1.20 20.46
C ALA A 211 -19.91 2.30 21.28
N ASP A 212 -18.86 1.98 22.03
CA ASP A 212 -18.23 2.95 22.96
C ASP A 212 -17.10 3.69 22.24
N GLU A 213 -16.92 4.97 22.59
CA GLU A 213 -15.66 5.67 22.23
C GLU A 213 -14.52 4.95 22.93
N GLY A 214 -13.35 4.88 22.32
CA GLY A 214 -12.19 4.25 22.98
C GLY A 214 -12.23 2.73 22.87
N TYR A 215 -11.88 2.04 23.95
CA TYR A 215 -11.75 0.58 24.03
C TYR A 215 -13.11 -0.10 23.83
N ASN A 216 -13.10 -1.15 23.01
CA ASN A 216 -14.19 -2.17 22.92
C ASN A 216 -13.54 -3.53 22.90
N SER A 217 -13.83 -4.35 23.91
CA SER A 217 -13.11 -5.62 24.14
C SER A 217 -13.41 -6.59 22.99
N GLY A 218 -14.55 -6.46 22.34
CA GLY A 218 -15.00 -7.46 21.36
C GLY A 218 -14.33 -7.30 20.01
N ASP A 219 -13.50 -6.26 19.83
CA ASP A 219 -12.78 -6.02 18.53
C ASP A 219 -11.36 -6.56 18.65
N PRO A 220 -11.03 -7.72 18.05
CA PRO A 220 -9.72 -8.34 18.28
C PRO A 220 -8.61 -7.71 17.45
N SER A 221 -7.38 -7.95 17.86
CA SER A 221 -6.19 -7.70 17.01
C SER A 221 -6.27 -8.64 15.80
N ILE A 222 -5.95 -8.11 14.65
CA ILE A 222 -5.92 -8.85 13.37
C ILE A 222 -4.56 -9.56 13.27
N SER A 223 -4.62 -10.85 13.03
CA SER A 223 -3.49 -11.83 12.99
C SER A 223 -3.49 -12.51 11.63
N TYR A 224 -4.03 -11.87 10.57
CA TYR A 224 -4.06 -12.53 9.23
C TYR A 224 -3.29 -11.71 8.22
N ARG A 225 -2.54 -12.39 7.37
CA ARG A 225 -1.82 -11.72 6.28
C ARG A 225 -2.79 -11.12 5.25
N PHE A 226 -3.87 -11.83 4.92
CA PHE A 226 -4.97 -11.28 4.10
C PHE A 226 -6.23 -11.26 4.95
N VAL A 227 -6.75 -10.07 5.15
CA VAL A 227 -7.94 -9.88 6.01
C VAL A 227 -9.09 -9.40 5.17
N THR A 228 -10.25 -10.01 5.34
CA THR A 228 -11.53 -9.51 4.80
C THR A 228 -12.15 -8.64 5.89
N ALA A 229 -12.29 -7.37 5.60
CA ALA A 229 -13.04 -6.42 6.47
C ALA A 229 -14.36 -6.11 5.79
N ALA A 230 -15.47 -6.41 6.46
CA ALA A 230 -16.82 -6.13 5.94
C ALA A 230 -17.49 -5.22 6.95
N VAL A 231 -18.01 -4.12 6.46
CA VAL A 231 -18.64 -3.06 7.27
C VAL A 231 -19.97 -2.71 6.64
N LYS A 232 -20.96 -2.40 7.46
CA LYS A 232 -22.27 -2.00 6.96
C LYS A 232 -22.91 -1.03 7.96
N GLY A 233 -23.78 -0.19 7.41
CA GLY A 233 -24.44 0.86 8.20
C GLY A 233 -25.77 1.16 7.62
N GLY A 234 -26.75 1.33 8.51
CA GLY A 234 -28.08 1.75 8.14
C GLY A 234 -28.63 2.64 9.25
N ALA A 235 -29.94 2.69 9.35
CA ALA A 235 -30.65 3.60 10.27
C ALA A 235 -30.48 3.10 11.71
N ASP A 236 -29.55 3.72 12.45
CA ASP A 236 -29.20 3.42 13.85
C ASP A 236 -28.73 1.95 13.98
N LYS A 237 -28.00 1.43 12.98
CA LYS A 237 -27.40 0.10 13.12
C LYS A 237 -26.15 0.11 12.24
N TRP A 238 -25.14 -0.64 12.65
CA TRP A 238 -23.92 -0.83 11.84
C TRP A 238 -23.18 -2.05 12.34
N ALA A 239 -22.19 -2.49 11.58
CA ALA A 239 -21.47 -3.72 11.95
C ALA A 239 -20.04 -3.70 11.43
N ILE A 240 -19.20 -4.40 12.15
CA ILE A 240 -17.80 -4.74 11.75
C ILE A 240 -17.72 -6.27 11.74
N ARG A 241 -17.34 -6.83 10.59
CA ARG A 241 -17.04 -8.26 10.45
C ARG A 241 -15.62 -8.43 9.87
N GLY A 242 -14.93 -9.52 10.20
CA GLY A 242 -13.52 -9.74 9.87
C GLY A 242 -13.39 -11.23 9.59
N ALA A 243 -12.57 -11.59 8.64
CA ALA A 243 -12.19 -12.99 8.34
C ALA A 243 -10.74 -13.03 7.89
N ASN A 244 -10.16 -14.22 7.98
CA ASN A 244 -8.97 -14.57 7.19
C ASN A 244 -9.47 -14.70 5.75
N ALA A 245 -9.01 -13.82 4.85
CA ALA A 245 -9.45 -13.87 3.45
C ALA A 245 -8.97 -15.18 2.78
N ALA A 246 -8.00 -15.85 3.36
CA ALA A 246 -7.49 -17.13 2.80
C ALA A 246 -8.24 -18.33 3.37
N SER A 247 -9.07 -18.19 4.39
CA SER A 247 -9.61 -19.42 5.05
C SER A 247 -10.77 -19.06 5.97
N GLY A 248 -11.85 -19.82 5.84
CA GLY A 248 -12.92 -19.82 6.84
C GLY A 248 -13.85 -18.64 6.70
N SER A 249 -14.49 -18.25 7.81
CA SER A 249 -15.71 -17.42 7.86
C SER A 249 -15.46 -16.05 8.46
N LEU A 250 -16.42 -15.16 8.20
CA LEU A 250 -16.52 -13.83 8.86
C LEU A 250 -16.99 -14.05 10.30
N SER A 251 -16.34 -13.40 11.25
CA SER A 251 -16.82 -13.23 12.63
C SER A 251 -17.31 -11.78 12.77
N THR A 252 -18.29 -11.58 13.63
CA THR A 252 -18.88 -10.25 13.83
C THR A 252 -18.30 -9.65 15.12
N TYR A 253 -17.58 -8.53 15.03
CA TYR A 253 -16.88 -7.91 16.18
C TYR A 253 -17.69 -6.73 16.73
N TYR A 254 -18.54 -6.16 15.91
CA TYR A 254 -19.57 -5.20 16.35
C TYR A 254 -20.78 -5.37 15.48
N SER A 255 -21.96 -5.30 16.11
CA SER A 255 -23.23 -5.18 15.40
C SER A 255 -24.25 -4.57 16.34
N GLY A 256 -24.87 -3.46 15.94
CA GLY A 256 -25.96 -2.87 16.71
C GLY A 256 -26.03 -1.37 16.55
N ALA A 257 -26.48 -0.69 17.59
CA ALA A 257 -26.82 0.74 17.50
C ALA A 257 -25.59 1.60 17.19
N ARG A 258 -25.87 2.79 16.63
CA ARG A 258 -24.83 3.81 16.48
C ARG A 258 -24.30 4.21 17.84
N PRO A 259 -23.01 4.60 17.96
CA PRO A 259 -22.45 5.04 19.21
C PRO A 259 -23.31 6.22 19.72
N ASP A 260 -23.58 6.20 21.02
CA ASP A 260 -24.55 7.14 21.64
C ASP A 260 -23.78 8.45 21.95
N TYR A 261 -23.23 9.08 20.92
CA TYR A 261 -22.50 10.38 21.02
C TYR A 261 -23.13 11.30 19.98
N SER A 262 -23.24 12.61 20.27
CA SER A 262 -23.90 13.57 19.37
C SER A 262 -23.33 13.43 17.96
N GLY A 263 -24.18 13.39 16.96
CA GLY A 263 -23.75 13.53 15.57
C GLY A 263 -23.63 12.21 14.83
N TYR A 264 -23.84 11.05 15.48
CA TYR A 264 -23.73 9.73 14.79
C TYR A 264 -25.06 9.07 14.50
N ASN A 265 -26.18 9.68 14.88
CA ASN A 265 -27.49 9.10 14.54
C ASN A 265 -28.46 10.26 14.46
N PRO A 266 -29.10 10.53 13.33
CA PRO A 266 -28.83 9.86 12.06
C PRO A 266 -27.45 10.23 11.50
N MET A 267 -26.97 9.44 10.55
CA MET A 267 -25.70 9.76 9.85
C MET A 267 -25.96 10.85 8.81
N SER A 268 -24.89 11.45 8.30
CA SER A 268 -24.92 12.51 7.28
C SER A 268 -23.93 12.20 6.18
N LYS A 269 -24.02 11.00 5.62
CA LYS A 269 -23.01 10.59 4.63
C LYS A 269 -23.10 11.44 3.37
N GLU A 270 -21.97 11.64 2.71
CA GLU A 270 -21.88 12.56 1.57
C GLU A 270 -21.66 11.81 0.26
N GLY A 271 -21.26 10.53 0.29
CA GLY A 271 -21.18 9.70 -0.93
C GLY A 271 -19.86 9.74 -1.68
N ALA A 272 -18.85 10.50 -1.23
CA ALA A 272 -17.51 10.42 -1.87
C ALA A 272 -16.86 9.10 -1.47
N ILE A 273 -15.89 8.65 -2.24
CA ILE A 273 -15.10 7.44 -1.93
C ILE A 273 -13.65 7.81 -1.69
N ILE A 274 -13.08 7.27 -0.63
CA ILE A 274 -11.65 7.43 -0.29
C ILE A 274 -10.99 6.05 -0.23
N LEU A 275 -9.70 6.03 -0.50
CA LEU A 275 -8.82 4.86 -0.28
C LEU A 275 -7.47 5.33 0.21
N GLY A 276 -7.10 4.91 1.42
CA GLY A 276 -5.74 5.04 2.00
C GLY A 276 -5.57 6.31 2.85
N ILE A 277 -6.59 7.14 2.92
CA ILE A 277 -6.57 8.49 3.55
C ILE A 277 -7.79 8.69 4.41
N GLY A 278 -7.73 9.69 5.28
CA GLY A 278 -8.94 10.11 6.01
C GLY A 278 -9.79 11.07 5.23
N GLY A 279 -10.96 11.37 5.76
CA GLY A 279 -11.96 12.18 5.07
C GLY A 279 -11.45 13.59 4.80
N ASP A 280 -10.62 14.11 5.71
CA ASP A 280 -10.04 15.47 5.57
C ASP A 280 -8.69 15.45 4.84
N ASN A 281 -8.41 14.38 4.12
CA ASN A 281 -7.11 14.12 3.50
C ASN A 281 -5.97 13.88 4.50
N SER A 282 -6.23 13.50 5.76
CA SER A 282 -5.15 13.00 6.64
C SER A 282 -4.44 11.89 5.85
N ASN A 283 -3.12 11.96 5.71
CA ASN A 283 -2.35 11.15 4.73
C ASN A 283 -1.09 10.58 5.39
N GLY A 284 -1.17 10.22 6.68
CA GLY A 284 -0.05 9.60 7.39
C GLY A 284 -0.04 8.09 7.39
N ALA A 285 -1.15 7.46 6.99
CA ALA A 285 -1.30 6.01 7.16
C ALA A 285 -0.64 5.23 6.01
N GLN A 286 -0.48 3.94 6.26
CA GLN A 286 -0.02 3.02 5.21
C GLN A 286 -0.90 1.78 5.28
N GLY A 287 -0.93 1.06 4.16
CA GLY A 287 -1.69 -0.20 4.06
C GLY A 287 -1.72 -0.70 2.65
N THR A 288 -2.36 -1.84 2.46
CA THR A 288 -2.44 -2.44 1.12
C THR A 288 -3.89 -2.86 0.86
N PHE A 289 -4.39 -2.46 -0.30
CA PHE A 289 -5.74 -2.78 -0.77
C PHE A 289 -5.63 -3.72 -1.96
N TYR A 290 -6.38 -4.82 -1.93
CA TYR A 290 -6.41 -5.77 -3.08
C TYR A 290 -7.74 -5.72 -3.86
N GLU A 291 -8.87 -5.67 -3.15
CA GLU A 291 -10.19 -5.56 -3.74
C GLU A 291 -11.17 -5.01 -2.71
N GLY A 292 -12.24 -4.43 -3.20
CA GLY A 292 -13.29 -3.94 -2.30
C GLY A 292 -14.46 -3.40 -3.06
N VAL A 293 -15.56 -3.20 -2.36
CA VAL A 293 -16.79 -2.66 -2.99
C VAL A 293 -17.53 -1.79 -1.98
N MET A 294 -18.45 -0.99 -2.52
CA MET A 294 -19.52 -0.35 -1.73
C MET A 294 -20.85 -0.71 -2.37
N THR A 295 -21.86 -0.88 -1.52
CA THR A 295 -23.21 -1.28 -1.99
C THR A 295 -24.25 -0.22 -1.68
N SER A 296 -25.40 -0.35 -2.33
CA SER A 296 -26.67 0.28 -1.94
C SER A 296 -27.44 -0.70 -1.06
N GLY A 297 -27.94 -0.30 0.10
CA GLY A 297 -28.66 -1.21 0.98
C GLY A 297 -27.75 -1.86 1.99
N TYR A 298 -28.33 -2.38 3.04
CA TYR A 298 -27.65 -3.07 4.15
C TYR A 298 -27.58 -4.57 3.86
N PRO A 299 -26.41 -5.11 3.50
CA PRO A 299 -26.33 -6.53 3.16
C PRO A 299 -26.67 -7.42 4.35
N SER A 300 -27.32 -8.55 4.06
CA SER A 300 -27.51 -9.59 5.09
C SER A 300 -26.17 -10.21 5.43
N ASP A 301 -26.08 -10.81 6.62
CA ASP A 301 -24.91 -11.62 7.00
C ASP A 301 -24.71 -12.72 5.95
N ASP A 302 -25.81 -13.32 5.47
CA ASP A 302 -25.76 -14.45 4.50
C ASP A 302 -25.08 -14.01 3.20
N THR A 303 -25.41 -12.82 2.73
CA THR A 303 -24.83 -12.29 1.47
C THR A 303 -23.33 -12.12 1.69
N GLU A 304 -22.95 -11.49 2.80
CA GLU A 304 -21.52 -11.29 3.12
C GLU A 304 -20.84 -12.63 3.25
N ASN A 305 -21.48 -13.59 3.90
CA ASN A 305 -20.88 -14.92 4.05
C ASN A 305 -20.61 -15.54 2.66
N SER A 306 -21.48 -15.40 1.69
CA SER A 306 -21.29 -15.95 0.32
C SER A 306 -20.12 -15.18 -0.33
N VAL A 307 -20.03 -13.87 -0.11
CA VAL A 307 -18.86 -13.06 -0.60
C VAL A 307 -17.55 -13.62 -0.04
N GLN A 308 -17.51 -13.88 1.28
CA GLN A 308 -16.31 -14.38 1.93
C GLN A 308 -15.96 -15.73 1.34
N GLU A 309 -16.97 -16.59 1.07
CA GLU A 309 -16.66 -17.90 0.48
C GLU A 309 -16.02 -17.70 -0.90
N ASN A 310 -16.48 -16.71 -1.64
CA ASN A 310 -15.93 -16.36 -2.97
C ASN A 310 -14.47 -15.91 -2.83
N ILE A 311 -14.18 -15.04 -1.87
CA ILE A 311 -12.81 -14.56 -1.58
C ILE A 311 -11.89 -15.74 -1.26
N VAL A 312 -12.34 -16.64 -0.40
CA VAL A 312 -11.49 -17.81 -0.03
C VAL A 312 -11.20 -18.60 -1.32
N ALA A 313 -12.20 -18.78 -2.16
CA ALA A 313 -12.08 -19.55 -3.44
C ALA A 313 -11.09 -18.85 -4.39
N ALA A 314 -10.88 -17.55 -4.29
CA ALA A 314 -9.92 -16.80 -5.12
C ALA A 314 -8.48 -17.17 -4.72
N LYS A 315 -8.27 -17.69 -3.51
CA LYS A 315 -6.99 -18.27 -3.04
C LYS A 315 -5.85 -17.24 -3.11
N TYR A 316 -6.00 -16.17 -2.36
CA TYR A 316 -4.90 -15.22 -2.12
C TYR A 316 -3.72 -15.88 -1.41
N VAL A 317 -2.54 -15.69 -1.97
CA VAL A 317 -1.23 -16.16 -1.42
C VAL A 317 -0.21 -15.05 -1.68
N VAL A 318 0.68 -14.82 -0.71
CA VAL A 318 1.77 -13.84 -0.88
C VAL A 318 2.58 -14.15 -2.12
N GLY A 319 2.91 -13.13 -2.89
CA GLY A 319 3.72 -13.27 -4.11
C GLY A 319 5.17 -12.88 -3.85
N SER A 320 6.01 -13.06 -4.83
CA SER A 320 7.46 -12.76 -4.70
C SER A 320 7.68 -11.26 -4.85
N LEU A 321 8.37 -10.68 -3.89
CA LEU A 321 8.81 -9.24 -3.91
C LEU A 321 10.17 -9.07 -4.62
N VAL A 322 10.83 -10.16 -4.97
CA VAL A 322 12.24 -10.12 -5.37
C VAL A 322 12.39 -10.62 -6.80
N SER A 323 13.27 -9.98 -7.53
CA SER A 323 13.72 -10.45 -8.86
C SER A 323 15.20 -10.10 -9.06
N GLY A 324 15.78 -10.65 -10.11
CA GLY A 324 17.17 -10.35 -10.47
C GLY A 324 18.11 -11.17 -9.62
N PRO A 325 19.41 -10.86 -9.69
CA PRO A 325 20.43 -11.62 -9.00
C PRO A 325 20.20 -11.90 -7.51
N SER A 326 19.73 -10.92 -6.77
CA SER A 326 19.50 -11.16 -5.29
C SER A 326 20.72 -11.74 -4.50
N PHE A 327 20.46 -12.13 -3.26
CA PHE A 327 21.43 -12.21 -2.15
C PHE A 327 21.08 -13.38 -1.25
N THR A 328 22.02 -13.80 -0.38
CA THR A 328 21.81 -14.78 0.70
C THR A 328 22.20 -14.12 2.01
N SER A 329 21.45 -14.35 3.06
CA SER A 329 21.76 -13.75 4.38
C SER A 329 23.19 -14.15 4.79
N GLY A 330 24.03 -13.18 5.16
CA GLY A 330 25.42 -13.39 5.63
C GLY A 330 26.42 -13.16 4.53
N GLU A 331 25.96 -13.05 3.29
CA GLU A 331 26.80 -12.67 2.13
C GLU A 331 27.35 -11.26 2.38
N VAL A 332 28.60 -11.01 2.02
CA VAL A 332 29.20 -9.64 2.10
C VAL A 332 29.49 -9.16 0.69
N VAL A 333 29.03 -7.97 0.38
CA VAL A 333 29.12 -7.49 -1.02
C VAL A 333 29.64 -6.06 -1.05
N SER A 334 30.07 -5.65 -2.24
CA SER A 334 30.25 -4.24 -2.61
C SER A 334 29.33 -3.98 -3.79
N LEU A 335 28.83 -2.76 -3.89
CA LEU A 335 27.78 -2.40 -4.89
C LEU A 335 28.37 -1.29 -5.74
N ARG A 336 28.61 -1.63 -7.00
CA ARG A 336 29.29 -0.72 -7.95
C ARG A 336 28.30 0.04 -8.79
N VAL A 337 28.55 1.34 -8.91
CA VAL A 337 27.77 2.32 -9.72
C VAL A 337 27.89 1.93 -11.20
N THR A 338 26.80 2.07 -11.97
CA THR A 338 26.82 1.64 -13.38
C THR A 338 26.58 2.84 -14.27
N THR A 339 26.27 3.98 -13.73
CA THR A 339 26.05 5.20 -14.54
C THR A 339 27.34 5.63 -15.25
N PRO A 340 27.31 5.79 -16.60
CA PRO A 340 28.47 6.28 -17.37
C PRO A 340 29.04 7.55 -16.74
N GLY A 341 30.34 7.53 -16.52
CA GLY A 341 31.03 8.65 -15.84
C GLY A 341 31.31 8.37 -14.38
N TYR A 342 30.74 7.29 -13.80
CA TYR A 342 30.81 7.08 -12.33
C TYR A 342 31.06 5.62 -12.05
N THR A 343 31.49 4.87 -13.06
CA THR A 343 31.49 3.39 -13.01
C THR A 343 32.64 2.85 -12.14
N THR A 344 33.53 3.71 -11.63
CA THR A 344 34.59 3.23 -10.69
C THR A 344 34.16 3.48 -9.25
N ARG A 345 32.95 4.04 -9.04
CA ARG A 345 32.45 4.37 -7.69
C ARG A 345 31.63 3.20 -7.13
N TYR A 346 31.64 3.09 -5.82
CA TYR A 346 30.92 2.06 -5.04
C TYR A 346 30.10 2.78 -3.97
N ILE A 347 29.02 2.11 -3.53
CA ILE A 347 28.22 2.63 -2.41
C ILE A 347 29.07 2.45 -1.13
N ALA A 348 29.24 3.55 -0.44
CA ALA A 348 30.07 3.60 0.77
C ALA A 348 29.36 4.53 1.76
N HIS A 349 30.06 4.91 2.81
CA HIS A 349 29.48 5.88 3.76
C HIS A 349 30.63 6.62 4.43
N THR A 350 30.33 7.84 4.82
CA THR A 350 31.18 8.66 5.73
C THR A 350 30.35 8.95 6.96
N ASP A 351 30.61 8.26 8.07
CA ASP A 351 29.73 8.25 9.26
C ASP A 351 28.31 7.91 8.77
N THR A 352 27.33 8.74 9.08
CA THR A 352 25.92 8.40 8.74
C THR A 352 25.56 8.67 7.28
N THR A 353 26.38 9.39 6.52
CA THR A 353 26.08 9.80 5.12
C THR A 353 26.42 8.63 4.20
N VAL A 354 25.39 8.05 3.53
CA VAL A 354 25.67 7.00 2.52
C VAL A 354 25.95 7.73 1.21
N ASN A 355 27.04 7.36 0.55
CA ASN A 355 27.51 8.10 -0.64
C ASN A 355 28.11 7.15 -1.65
N THR A 356 28.62 7.68 -2.76
CA THR A 356 29.46 6.88 -3.65
C THR A 356 30.89 7.46 -3.61
N GLN A 357 31.86 6.57 -3.71
CA GLN A 357 33.32 6.89 -3.72
C GLN A 357 34.03 5.93 -4.65
N VAL A 358 35.10 6.42 -5.29
CA VAL A 358 36.04 5.53 -6.03
C VAL A 358 36.66 4.63 -4.98
N VAL A 359 36.57 3.34 -5.18
CA VAL A 359 37.19 2.34 -4.29
C VAL A 359 37.94 1.38 -5.19
N ASP A 360 39.20 1.09 -4.86
CA ASP A 360 39.96 0.08 -5.62
C ASP A 360 40.95 -0.63 -4.69
N ASP A 361 41.77 -1.52 -5.22
CA ASP A 361 42.65 -2.38 -4.38
C ASP A 361 43.63 -1.51 -3.58
N ASP A 362 43.91 -0.28 -4.00
CA ASP A 362 44.82 0.68 -3.32
C ASP A 362 44.08 1.59 -2.33
N SER A 363 42.77 1.50 -2.19
CA SER A 363 42.05 2.36 -1.23
C SER A 363 42.49 2.01 0.21
N SER A 364 42.31 2.91 1.18
CA SER A 364 42.52 2.62 2.61
C SER A 364 41.58 1.48 3.04
N THR A 365 42.04 0.65 3.97
CA THR A 365 41.22 -0.39 4.60
C THR A 365 39.96 0.26 5.18
N THR A 366 40.06 1.50 5.68
CA THR A 366 38.89 2.18 6.28
C THR A 366 37.79 2.30 5.21
N LEU A 367 38.13 2.84 4.05
CA LEU A 367 37.16 3.02 2.94
C LEU A 367 36.66 1.65 2.43
N LYS A 368 37.52 0.64 2.35
CA LYS A 368 37.14 -0.72 1.89
C LYS A 368 36.01 -1.27 2.76
N GLU A 369 36.13 -1.14 4.08
CA GLU A 369 35.10 -1.59 5.03
C GLU A 369 33.82 -0.76 4.84
N GLU A 370 33.94 0.54 4.59
CA GLU A 370 32.80 1.46 4.40
C GLU A 370 32.07 1.17 3.06
N ALA A 371 32.74 0.54 2.12
CA ALA A 371 32.19 0.11 0.81
C ALA A 371 31.81 -1.38 0.84
N SER A 372 31.75 -2.01 2.02
CA SER A 372 31.44 -3.44 2.18
C SER A 372 30.20 -3.56 3.05
N TRP A 373 29.28 -4.44 2.66
CA TRP A 373 27.92 -4.56 3.25
C TRP A 373 27.58 -6.02 3.50
N THR A 374 27.21 -6.35 4.72
CA THR A 374 26.68 -7.65 5.09
C THR A 374 25.18 -7.67 4.81
N VAL A 375 24.77 -8.60 3.94
CA VAL A 375 23.34 -8.69 3.54
C VAL A 375 22.66 -9.62 4.51
N VAL A 376 21.61 -9.16 5.17
CA VAL A 376 20.87 -9.95 6.17
C VAL A 376 19.39 -9.98 5.79
N THR A 377 18.68 -10.96 6.35
CA THR A 377 17.22 -11.06 6.18
C THR A 377 16.60 -9.70 6.46
N GLY A 378 15.70 -9.24 5.58
CA GLY A 378 15.00 -7.97 5.77
C GLY A 378 14.44 -7.81 7.17
N LEU A 379 14.70 -6.66 7.78
CA LEU A 379 14.26 -6.39 9.16
C LEU A 379 12.73 -6.31 9.20
N ALA A 380 12.06 -5.82 8.15
CA ALA A 380 10.57 -5.70 8.13
C ALA A 380 9.91 -6.69 7.19
N ASN A 381 10.67 -7.44 6.41
CA ASN A 381 10.08 -8.39 5.45
C ASN A 381 11.11 -9.46 5.17
N SER A 382 10.80 -10.72 5.43
CA SER A 382 11.80 -11.81 5.40
C SER A 382 12.08 -12.23 3.96
N GLN A 383 11.32 -11.76 2.94
CA GLN A 383 11.68 -12.02 1.52
C GLN A 383 12.77 -11.07 1.06
N CYS A 384 12.82 -9.89 1.65
CA CYS A 384 13.69 -8.77 1.26
C CYS A 384 14.94 -8.79 2.14
N PHE A 385 15.71 -7.72 2.07
CA PHE A 385 17.04 -7.69 2.69
C PHE A 385 17.26 -6.35 3.39
N SER A 386 18.19 -6.41 4.36
CA SER A 386 18.76 -5.20 5.00
C SER A 386 20.29 -5.24 4.85
N PHE A 387 20.90 -4.06 4.76
CA PHE A 387 22.32 -3.90 4.36
C PHE A 387 23.08 -3.37 5.59
N GLU A 388 23.83 -4.27 6.22
CA GLU A 388 24.56 -3.97 7.50
C GLU A 388 26.00 -3.54 7.17
N SER A 389 26.42 -2.44 7.77
CA SER A 389 27.81 -1.91 7.66
C SER A 389 28.82 -2.95 8.15
N VAL A 390 29.88 -3.15 7.39
CA VAL A 390 31.01 -3.99 7.85
C VAL A 390 31.82 -3.24 8.94
N ASP A 391 32.11 -1.98 8.76
CA ASP A 391 32.89 -1.20 9.78
C ASP A 391 32.05 -0.94 11.01
N THR A 392 30.71 -0.88 10.88
CA THR A 392 29.78 -0.54 12.00
C THR A 392 28.67 -1.58 12.09
N PRO A 393 28.96 -2.77 12.66
CA PRO A 393 27.98 -3.81 12.85
C PRO A 393 26.83 -3.27 13.70
N GLY A 394 25.62 -3.73 13.41
CA GLY A 394 24.40 -3.29 14.12
C GLY A 394 23.82 -2.06 13.47
N SER A 395 24.51 -1.48 12.50
CA SER A 395 24.02 -0.28 11.78
C SER A 395 23.67 -0.71 10.34
N TYR A 396 22.58 -0.17 9.83
CA TYR A 396 22.01 -0.55 8.52
C TYR A 396 21.70 0.70 7.70
N ILE A 397 21.72 0.54 6.36
CA ILE A 397 21.23 1.59 5.42
C ILE A 397 19.71 1.68 5.62
N ARG A 398 19.24 2.87 5.95
CA ARG A 398 17.80 3.18 6.14
C ARG A 398 17.53 4.48 5.43
N HIS A 399 16.29 4.69 4.98
CA HIS A 399 15.87 6.00 4.47
C HIS A 399 15.30 6.82 5.61
N TYR A 400 15.56 8.12 5.54
CA TYR A 400 15.12 9.13 6.52
C TYR A 400 15.01 10.45 5.76
N ASN A 401 13.83 11.03 5.68
CA ASN A 401 13.54 12.14 4.75
C ASN A 401 14.02 11.76 3.34
N PHE A 402 13.94 10.48 2.98
CA PHE A 402 14.28 9.93 1.66
C PHE A 402 15.77 10.07 1.31
N GLU A 403 16.65 10.34 2.28
CA GLU A 403 18.11 10.20 2.11
C GLU A 403 18.51 8.89 2.77
N LEU A 404 19.48 8.17 2.22
CA LEU A 404 19.95 6.92 2.83
C LEU A 404 21.03 7.29 3.87
N LEU A 405 20.80 6.83 5.09
CA LEU A 405 21.70 7.08 6.23
C LEU A 405 22.13 5.71 6.77
N LEU A 406 23.31 5.66 7.36
CA LEU A 406 23.72 4.48 8.11
C LEU A 406 23.41 4.74 9.58
N ASN A 407 22.40 4.07 10.12
CA ASN A 407 21.95 4.24 11.52
C ASN A 407 21.88 2.90 12.22
N ALA A 408 22.03 2.95 13.55
CA ALA A 408 21.95 1.77 14.42
C ALA A 408 20.48 1.28 14.48
N ASN A 409 20.30 -0.02 14.34
CA ASN A 409 18.98 -0.66 14.54
C ASN A 409 18.55 -0.41 15.98
N ASP A 410 17.43 0.22 16.18
CA ASP A 410 16.92 0.58 17.52
C ASP A 410 15.76 -0.37 17.87
N GLY A 411 15.56 -1.45 17.11
CA GLY A 411 14.51 -2.47 17.34
C GLY A 411 13.10 -1.98 17.00
N THR A 412 12.90 -0.75 16.55
CA THR A 412 11.53 -0.22 16.26
C THR A 412 11.02 -0.68 14.88
N LYS A 413 9.70 -0.69 14.78
CA LYS A 413 9.03 -1.01 13.49
C LYS A 413 9.45 0.02 12.47
N GLN A 414 9.49 1.29 12.86
CA GLN A 414 9.86 2.40 11.97
C GLN A 414 11.24 2.14 11.36
N PHE A 415 12.23 1.80 12.18
CA PHE A 415 13.58 1.54 11.66
C PHE A 415 13.56 0.36 10.70
N HIS A 416 12.96 -0.75 11.16
CA HIS A 416 12.88 -2.00 10.36
C HIS A 416 12.35 -1.66 8.96
N GLU A 417 11.27 -0.90 8.93
CA GLU A 417 10.58 -0.58 7.64
C GLU A 417 11.49 0.30 6.78
N ASP A 418 12.12 1.28 7.42
CA ASP A 418 13.06 2.20 6.71
C ASP A 418 14.31 1.49 6.22
N ALA A 419 14.64 0.32 6.74
CA ALA A 419 15.92 -0.40 6.48
C ALA A 419 15.70 -1.64 5.62
N THR A 420 14.51 -1.80 5.01
CA THR A 420 14.21 -3.04 4.27
C THR A 420 14.10 -2.69 2.77
N PHE A 421 14.80 -3.44 1.93
CA PHE A 421 14.91 -3.20 0.47
C PHE A 421 14.76 -4.53 -0.26
N CYS A 422 14.07 -4.46 -1.39
CA CYS A 422 13.70 -5.64 -2.17
C CYS A 422 14.52 -5.62 -3.44
N PRO A 423 15.42 -6.58 -3.69
CA PRO A 423 16.18 -6.60 -4.93
C PRO A 423 15.21 -6.78 -6.11
N GLN A 424 15.51 -6.07 -7.18
CA GLN A 424 14.77 -6.10 -8.47
C GLN A 424 15.81 -6.16 -9.59
N ALA A 425 15.58 -6.94 -10.62
CA ALA A 425 16.47 -6.95 -11.79
C ALA A 425 16.69 -5.50 -12.20
N ALA A 426 17.96 -5.12 -12.36
CA ALA A 426 18.35 -3.72 -12.54
C ALA A 426 17.55 -3.13 -13.72
N LEU A 427 17.12 -1.90 -13.57
CA LEU A 427 16.33 -1.25 -14.65
C LEU A 427 17.19 -1.08 -15.91
N ASN A 428 18.54 -0.93 -15.81
CA ASN A 428 19.38 -0.84 -17.03
C ASN A 428 19.97 -2.20 -17.38
N GLY A 429 19.57 -3.28 -16.73
CA GLY A 429 20.10 -4.63 -17.00
C GLY A 429 21.46 -4.91 -16.40
N GLU A 430 22.04 -3.99 -15.63
CA GLU A 430 23.38 -4.22 -15.05
C GLU A 430 23.26 -4.40 -13.53
N GLY A 431 23.02 -5.64 -13.13
CA GLY A 431 22.98 -6.10 -11.73
C GLY A 431 21.61 -5.94 -11.11
N THR A 432 21.52 -5.15 -10.04
CA THR A 432 20.30 -5.08 -9.18
C THR A 432 19.85 -3.63 -9.05
N SER A 433 18.56 -3.42 -8.86
CA SER A 433 17.99 -2.18 -8.33
C SER A 433 17.43 -2.53 -6.94
N LEU A 434 17.57 -1.65 -5.96
CA LEU A 434 17.12 -2.00 -4.59
C LEU A 434 15.93 -1.12 -4.24
N ARG A 435 14.73 -1.73 -4.33
CA ARG A 435 13.48 -0.99 -4.12
C ARG A 435 13.16 -0.91 -2.63
N SER A 436 12.76 0.23 -2.15
CA SER A 436 12.27 0.37 -0.77
C SER A 436 11.05 -0.53 -0.56
N TRP A 437 11.07 -1.38 0.45
CA TRP A 437 9.87 -2.17 0.83
C TRP A 437 8.75 -1.23 1.27
N SER A 438 9.05 -0.20 2.07
CA SER A 438 7.99 0.62 2.68
C SER A 438 7.47 1.73 1.73
N TYR A 439 8.29 2.14 0.78
CA TYR A 439 7.97 3.13 -0.25
C TYR A 439 8.41 2.57 -1.59
N PRO A 440 7.63 1.64 -2.18
CA PRO A 440 8.06 0.95 -3.39
C PRO A 440 8.11 1.80 -4.67
N THR A 441 7.68 3.04 -4.58
CA THR A 441 7.97 4.03 -5.65
C THR A 441 9.44 4.44 -5.62
N ARG A 442 10.20 4.08 -4.59
CA ARG A 442 11.56 4.64 -4.41
C ARG A 442 12.60 3.55 -4.38
N TYR A 443 13.80 3.91 -4.82
CA TYR A 443 14.91 2.99 -5.03
C TYR A 443 16.18 3.66 -4.48
N PHE A 444 17.14 2.84 -4.07
CA PHE A 444 18.54 3.30 -3.91
C PHE A 444 18.88 4.07 -5.20
N ARG A 445 19.31 5.33 -5.07
CA ARG A 445 19.57 6.20 -6.24
C ARG A 445 20.69 7.17 -5.85
N HIS A 446 21.77 7.17 -6.64
CA HIS A 446 22.83 8.19 -6.40
C HIS A 446 22.52 9.44 -7.23
N TYR A 447 22.71 10.56 -6.58
CA TYR A 447 22.53 11.93 -7.09
C TYR A 447 23.59 12.83 -6.43
N GLU A 448 24.40 13.47 -7.27
CA GLU A 448 25.66 14.17 -6.83
C GLU A 448 26.42 13.31 -5.82
N ASN A 449 26.57 12.02 -6.13
CA ASN A 449 27.41 11.05 -5.41
C ASN A 449 26.92 10.88 -3.97
N VAL A 450 25.64 11.14 -3.71
CA VAL A 450 24.98 10.85 -2.42
C VAL A 450 23.82 9.87 -2.66
N LEU A 451 23.56 8.95 -1.71
CA LEU A 451 22.48 7.94 -1.89
C LEU A 451 21.18 8.48 -1.32
N TYR A 452 20.08 8.27 -2.09
CA TYR A 452 18.72 8.64 -1.68
C TYR A 452 17.80 7.45 -1.99
N ALA A 453 16.62 7.48 -1.41
CA ALA A 453 15.47 6.62 -1.80
C ALA A 453 14.66 7.51 -2.72
N ALA A 454 14.96 7.42 -4.01
CA ALA A 454 14.43 8.36 -5.02
C ALA A 454 13.35 7.66 -5.85
N SER A 455 12.37 8.46 -6.25
CA SER A 455 11.36 8.05 -7.25
C SER A 455 11.80 8.55 -8.61
N ASN A 456 11.23 7.95 -9.64
CA ASN A 456 11.46 8.30 -11.05
C ASN A 456 10.57 9.49 -11.39
N GLY A 457 11.05 10.68 -11.09
CA GLY A 457 10.26 11.90 -11.06
C GLY A 457 9.67 12.08 -9.68
N GLY A 458 9.53 13.32 -9.28
CA GLY A 458 8.91 13.62 -7.98
C GLY A 458 9.23 15.02 -7.54
N VAL A 459 8.89 15.30 -6.30
CA VAL A 459 8.97 16.70 -5.80
C VAL A 459 10.36 17.00 -5.22
N GLN A 460 11.21 16.01 -4.96
CA GLN A 460 12.59 16.24 -4.44
C GLN A 460 13.54 16.40 -5.63
N THR A 461 14.61 17.19 -5.47
CA THR A 461 15.61 17.36 -6.55
C THR A 461 16.19 16.01 -6.95
N PHE A 462 16.42 15.14 -5.97
CA PHE A 462 17.07 13.85 -6.23
C PHE A 462 16.11 12.81 -6.83
N ASP A 463 14.87 13.21 -7.11
CA ASP A 463 13.93 12.36 -7.89
C ASP A 463 14.04 12.70 -9.37
N SER A 464 15.08 13.42 -9.81
CA SER A 464 15.22 13.74 -11.24
C SER A 464 15.09 12.51 -12.13
N LYS A 465 14.35 12.62 -13.22
CA LYS A 465 14.21 11.52 -14.19
C LYS A 465 15.50 11.36 -15.00
N THR A 466 16.28 12.43 -15.13
CA THR A 466 17.59 12.32 -15.82
C THR A 466 18.47 11.28 -15.15
N SER A 467 18.91 10.30 -15.93
CA SER A 467 19.83 9.20 -15.54
C SER A 467 19.19 8.30 -14.47
N PHE A 468 17.86 8.26 -14.37
CA PHE A 468 17.22 7.51 -13.26
C PHE A 468 17.57 6.03 -13.39
N ASN A 469 17.29 5.42 -14.54
CA ASN A 469 17.48 3.96 -14.66
C ASN A 469 18.95 3.60 -14.32
N ASN A 470 19.92 4.36 -14.84
CA ASN A 470 21.36 4.08 -14.57
C ASN A 470 21.66 4.28 -13.07
N ASP A 471 21.12 5.34 -12.49
CA ASP A 471 21.42 5.81 -11.11
C ASP A 471 20.82 4.85 -10.08
N VAL A 472 19.91 3.94 -10.48
CA VAL A 472 19.29 2.96 -9.54
C VAL A 472 19.76 1.55 -9.84
N SER A 473 20.77 1.39 -10.70
CA SER A 473 21.29 0.07 -11.09
C SER A 473 22.70 -0.12 -10.57
N PHE A 474 22.93 -1.15 -9.80
CA PHE A 474 24.25 -1.43 -9.19
C PHE A 474 24.69 -2.87 -9.44
N GLU A 475 25.96 -3.07 -9.79
CA GLU A 475 26.55 -4.42 -9.91
C GLU A 475 26.99 -4.92 -8.55
N ILE A 476 26.65 -6.17 -8.27
CA ILE A 476 26.94 -6.86 -7.00
C ILE A 476 28.33 -7.47 -7.16
N GLU A 477 29.28 -6.99 -6.38
CA GLU A 477 30.68 -7.47 -6.51
C GLU A 477 31.16 -8.08 -5.19
N THR A 478 32.23 -8.85 -5.26
CA THR A 478 32.98 -9.30 -4.06
C THR A 478 33.24 -8.06 -3.19
N ALA A 479 33.03 -8.21 -1.89
CA ALA A 479 33.27 -7.14 -0.90
C ALA A 479 34.78 -6.82 -0.87
N PHE A 480 35.11 -5.56 -0.84
CA PHE A 480 36.51 -5.11 -0.60
C PHE A 480 37.02 -5.65 0.73
N ALA A 481 36.15 -5.79 1.72
CA ALA A 481 36.42 -6.27 3.10
C ALA A 481 35.12 -6.78 3.73
C1 NAG B . 1.32 0.78 16.99
C2 NAG B . 1.50 1.57 18.30
C3 NAG B . 2.97 1.95 18.43
C4 NAG B . 3.80 0.72 18.26
C5 NAG B . 3.50 0.06 16.89
C6 NAG B . 4.37 -1.14 16.55
C7 NAG B . -0.13 3.08 19.29
C8 NAG B . -0.84 4.34 19.14
N2 NAG B . 0.79 2.80 18.36
O3 NAG B . 3.19 2.47 19.76
O4 NAG B . 5.18 1.11 18.27
O5 NAG B . 2.17 -0.35 16.97
O6 NAG B . 4.36 -2.04 17.62
O7 NAG B . -0.36 2.25 20.17
H1 NAG B . 1.57 1.44 16.15
H2 NAG B . 1.22 0.92 19.14
H3 NAG B . 3.24 2.66 17.64
H4 NAG B . 3.55 0.00 19.05
H5 NAG B . 3.59 0.81 16.09
H61 NAG B . 5.39 -0.80 16.37
H62 NAG B . 3.99 -1.62 15.66
H81 NAG B . -1.36 4.35 18.22
H82 NAG B . -1.52 4.44 19.94
H83 NAG B . -0.14 5.13 19.18
HN2 NAG B . 0.98 3.51 17.66
HO3 NAG B . 4.12 2.70 19.87
HO4 NAG B . 5.56 1.00 17.38
HO6 NAG B . 4.92 -2.80 17.40
C1 NAG B . 5.98 1.62 19.33
C2 NAG B . 7.43 1.07 19.29
C3 NAG B . 8.25 1.48 20.52
C4 NAG B . 8.23 2.99 20.64
C5 NAG B . 6.73 3.39 20.67
C6 NAG B . 6.60 4.87 20.95
C7 NAG B . 7.96 -0.96 17.99
C8 NAG B . 8.03 -2.43 18.01
N2 NAG B . 7.51 -0.38 19.13
O3 NAG B . 9.57 1.03 20.29
O4 NAG B . 8.98 3.40 21.81
O5 NAG B . 6.04 3.05 19.42
O6 NAG B . 5.22 5.16 20.74
O7 NAG B . 8.23 -0.26 17.01
H1 NAG B . 6.50 1.29 18.42
H2 NAG B . 7.91 1.48 18.40
H3 NAG B . 7.78 1.05 21.42
H4 NAG B . 8.70 3.46 19.77
H5 NAG B . 6.28 2.83 21.50
H61 NAG B . 7.24 5.43 20.27
H62 NAG B . 6.89 5.06 21.99
H81 NAG B . 7.07 -2.84 18.18
H82 NAG B . 8.40 -2.78 17.08
H83 NAG B . 8.69 -2.74 18.78
HN2 NAG B . 7.22 -0.97 19.89
HO3 NAG B . 10.14 1.27 21.03
HO4 NAG B . 8.96 4.37 21.90
HO6 NAG B . 5.06 6.09 20.91
C1 NAG C . 15.80 -4.42 -18.89
C2 NAG C . 17.11 -4.45 -19.64
C3 NAG C . 17.49 -5.91 -19.86
C4 NAG C . 17.50 -6.65 -18.51
C5 NAG C . 16.23 -6.43 -17.69
C6 NAG C . 16.37 -6.97 -16.24
C7 NAG C . 17.40 -2.47 -21.07
C8 NAG C . 17.22 -1.75 -22.37
N2 NAG C . 17.00 -3.74 -20.91
O3 NAG C . 18.78 -5.96 -20.43
O4 NAG C . 17.71 -8.06 -18.73
O5 NAG C . 15.90 -5.01 -17.60
O6 NAG C . 17.55 -6.39 -15.57
O7 NAG C . 17.93 -1.86 -20.15
H1 NAG C . 15.06 -4.96 -19.49
H2 NAG C . 17.90 -3.98 -19.03
H3 NAG C . 16.74 -6.38 -20.51
H4 NAG C . 18.35 -6.27 -17.94
H5 NAG C . 15.41 -6.97 -18.19
H61 NAG C . 16.46 -8.05 -16.26
H62 NAG C . 15.47 -6.69 -15.67
H81 NAG C . 16.19 -1.69 -22.61
H82 NAG C . 17.61 -0.76 -22.29
H83 NAG C . 17.74 -2.26 -23.14
HN2 NAG C . 16.59 -4.23 -21.70
HO3 NAG C . 19.03 -6.89 -20.58
HO4 NAG C . 17.81 -8.51 -17.88
HO6 NAG C . 17.62 -6.73 -14.67
S SO4 D . 23.16 6.27 14.90
O1 SO4 D . 24.09 5.25 15.37
O2 SO4 D . 23.66 6.89 13.74
O3 SO4 D . 22.97 7.28 15.89
O4 SO4 D . 21.87 5.59 14.59
C ACT E . 5.02 -10.60 2.67
O ACT E . 4.57 -9.84 1.69
OXT ACT E . 4.36 -11.05 3.59
CH3 ACT E . 6.31 -11.22 2.50
H1 ACT E . 6.68 -10.97 1.63
H2 ACT E . 6.22 -12.18 2.54
H3 ACT E . 6.91 -10.92 3.20
O5 KHP F . 25.53 10.92 -8.58
C5 KHP F . 26.18 11.18 -9.78
C4 KHP F . 25.33 11.95 -10.74
O4 KHP F . 24.74 13.06 -10.12
C1 KHP F . 23.60 13.42 -10.92
C2 KHP F . 23.12 12.20 -11.69
O2 KHP F . 21.76 12.00 -11.28
C3 KHP F . 24.10 11.15 -11.25
O3 KHP F . 24.40 10.21 -12.26
O1 KHP F . 23.91 14.35 -11.91
C1' KHP F . 24.13 15.63 -11.54
C2' KHP F . 25.37 16.19 -11.87
C3' KHP F . 25.67 17.49 -11.50
C4' KHP F . 24.67 18.20 -10.83
N1' KHP F . 24.93 19.52 -10.45
O3' KHP F . 23.86 20.44 -10.45
O2' KHP F . 26.07 19.81 -10.09
C5' KHP F . 23.43 17.64 -10.50
C6' KHP F . 23.16 16.34 -10.88
HO5 KHP F . 26.11 10.42 -7.99
H51 KHP F . 27.09 11.76 -9.55
H52 KHP F . 26.47 10.23 -10.23
H4 KHP F . 25.93 12.24 -11.62
H1 KHP F . 22.80 13.83 -10.27
H2 KHP F . 23.19 12.42 -12.76
HO2 KHP F . 21.24 12.78 -11.52
H3 KHP F . 23.64 10.56 -10.43
HO3 KHP F . 23.60 9.75 -12.52
H2' KHP F . 26.11 15.60 -12.40
H3' KHP F . 26.61 17.97 -11.72
H5' KHP F . 22.69 18.23 -9.98
H6' KHP F . 22.20 15.90 -10.64
O5 KHP G . 12.54 8.49 4.54
C5 KHP G . 11.17 8.84 4.73
C4 KHP G . 10.73 8.87 6.18
O4 KHP G . 11.39 9.99 6.83
C1 KHP G . 11.37 9.65 8.18
C2 KHP G . 11.05 8.19 8.40
O2 KHP G . 12.01 7.64 9.30
C3 KHP G . 11.06 7.63 6.98
O3 KHP G . 10.07 6.63 6.75
O1 KHP G . 10.36 10.40 8.77
C1' KHP G . 10.48 11.74 8.94
C2' KHP G . 11.65 12.42 8.56
C3' KHP G . 11.74 13.79 8.78
C4' KHP G . 10.68 14.46 9.36
N1' KHP G . 10.81 15.83 9.56
O3' KHP G . 10.21 16.43 10.67
O2' KHP G . 11.47 16.51 8.79
C5' KHP G . 9.53 13.79 9.76
C6' KHP G . 9.42 12.42 9.55
HO5 KHP G . 12.75 8.50 3.60
H51 KHP G . 11.02 9.83 4.29
H52 KHP G . 10.57 8.12 4.18
H4 KHP G . 9.64 9.00 6.20
H1 KHP G . 12.33 9.87 8.66
H2 KHP G . 10.07 8.11 8.87
HO2 KHP G . 11.95 8.09 10.15
H3 KHP G . 12.07 7.24 6.76
HO3 KHP G . 10.23 5.88 7.33
H2' KHP G . 12.47 11.88 8.12
H3' KHP G . 12.63 14.33 8.49
H5' KHP G . 8.73 14.34 10.24
H6' KHP G . 8.53 11.89 9.86
C1 EDO H . 19.45 17.39 -3.05
O1 EDO H . 18.90 17.94 -1.88
C2 EDO H . 20.82 17.87 -3.44
O2 EDO H . 20.84 19.01 -4.30
H11 EDO H . 18.87 17.61 -3.81
H12 EDO H . 19.53 16.42 -2.95
HO1 EDO H . 18.14 17.61 -1.75
H21 EDO H . 21.29 17.15 -3.90
H22 EDO H . 21.30 18.12 -2.62
HO2 EDO H . 20.05 19.25 -4.47
S SO4 I . 15.10 -7.16 -23.03
O1 SO4 I . 15.99 -8.05 -22.32
O2 SO4 I . 15.59 -5.83 -22.90
O3 SO4 I . 15.05 -7.54 -24.42
O4 SO4 I . 13.78 -7.24 -22.46
C ACT J . 15.22 -6.72 15.88
O ACT J . 15.45 -5.55 15.65
OXT ACT J . 15.47 -7.63 15.06
CH3 ACT J . 14.57 -7.00 17.24
H1 ACT J . 14.41 -7.95 17.32
H2 ACT J . 13.73 -6.53 17.30
H3 ACT J . 15.16 -6.71 17.95
C1 EDO K . 18.55 9.22 12.73
O1 EDO K . 18.85 8.85 14.06
C2 EDO K . 18.11 10.61 12.61
O2 EDO K . 18.69 11.37 11.61
H11 EDO K . 17.85 8.64 12.38
H12 EDO K . 19.36 9.12 12.19
HO1 EDO K . 19.10 8.04 14.09
H21 EDO K . 18.30 11.08 13.45
H22 EDO K . 17.15 10.62 12.43
HO2 EDO K . 19.26 10.90 11.18
C1 EDO L . -22.45 -5.22 -14.46
O1 EDO L . -23.09 -4.23 -13.73
C2 EDO L . -21.01 -5.12 -14.61
O2 EDO L . -20.59 -5.89 -15.75
H11 EDO L . -22.81 -5.22 -15.38
H12 EDO L . -22.61 -6.10 -14.05
HO1 EDO L . -23.91 -4.38 -13.70
H21 EDO L . -20.58 -5.47 -13.80
H22 EDO L . -20.77 -4.18 -14.75
HO2 EDO L . -21.27 -6.25 -16.10
O5 KHP M . -12.49 10.12 12.23
C5 KHP M . -11.12 9.99 12.39
C4 KHP M . -10.54 11.00 11.46
O4 KHP M . -10.81 12.26 12.11
C1 KHP M . -10.53 13.19 10.99
C2 KHP M . -10.58 12.54 9.59
O2 KHP M . -11.29 13.17 8.53
C3 KHP M . -11.06 11.12 9.97
O3 KHP M . -10.58 10.26 8.91
O1 KHP M . -9.17 13.56 11.07
C1' KHP M . -8.76 14.41 12.07
C2' KHP M . -7.49 14.98 11.93
C3' KHP M . -7.03 15.86 12.89
C4' KHP M . -7.85 16.14 13.98
N1' KHP M . -7.39 17.03 14.94
O3' KHP M . -6.06 16.92 15.37
O2' KHP M . -8.14 17.90 15.37
C5' KHP M . -9.12 15.58 14.13
C6' KHP M . -9.60 14.70 13.17
HO5 KHP M . -12.95 9.50 12.80
H51 KHP M . -10.80 10.21 13.42
H52 KHP M . -10.77 9.00 12.12
H4 KHP M . -9.46 10.80 11.44
H1 KHP M . -11.16 14.09 11.03
H2 KHP M . -9.55 12.54 9.18
HO2 KHP M . -10.91 14.04 8.34
H3 KHP M . -12.16 11.11 9.90
HO3 KHP M . -10.96 10.54 8.07
H2' KHP M . -6.88 14.73 11.08
H3' KHP M . -6.05 16.32 12.81
H5' KHP M . -9.73 15.83 14.99
H6' KHP M . -10.57 14.26 13.26
C2 PEG N . 8.78 -5.00 11.26
O2 PEG N . 8.96 -4.71 12.64
C3 PEG N . 8.08 -5.45 13.48
C4 PEG N . 7.91 -4.75 14.79
O4 PEG N . 8.83 -5.18 15.76
H1 PEG N . 7.82 -5.00 11.05
H22 PEG N . 9.22 -4.32 10.71
H31 PEG N . 7.21 -5.54 13.04
H32 PEG N . 8.47 -6.34 13.64
H41 PEG N . 8.02 -3.78 14.64
H42 PEG N . 6.99 -4.92 15.11
HO4 PEG N . 8.70 -4.77 16.48
C1 PEG O . 11.09 -10.15 9.10
O1 PEG O . 11.33 -11.28 9.88
C2 PEG O . 9.71 -9.61 9.27
O2 PEG O . 8.71 -10.59 8.96
C3 PEG O . 8.74 -11.10 7.63
C4 PEG O . 7.43 -10.96 6.93
O4 PEG O . 7.49 -11.37 5.57
H11 PEG O . 11.21 -10.39 8.15
H12 PEG O . 11.73 -9.45 9.34
HO1 PEG O . 12.12 -11.55 9.76
H21 PEG O . 9.58 -8.85 8.69
H22 PEG O . 9.58 -9.34 10.20
H31 PEG O . 8.97 -12.05 7.65
H32 PEG O . 9.41 -10.61 7.11
H41 PEG O . 7.16 -10.01 6.96
H42 PEG O . 6.76 -11.50 7.39
HO4 PEG O . 8.28 -11.63 5.40
C2 PEG P . 29.87 -11.37 -6.74
O2 PEG P . 29.35 -11.31 -5.41
C3 PEG P . 29.89 -12.34 -4.59
C4 PEG P . 29.67 -12.07 -3.16
O4 PEG P . 30.20 -13.09 -2.35
H1 PEG P . 29.99 -12.30 -7.00
H22 PEG P . 29.25 -10.94 -7.35
H31 PEG P . 29.45 -13.18 -4.84
H32 PEG P . 30.85 -12.41 -4.77
H41 PEG P . 30.08 -11.22 -2.94
H42 PEG P . 28.70 -12.02 -3.01
HO4 PEG P . 30.06 -12.90 -1.54
C1 PEG Q . 33.75 -3.08 15.15
O1 PEG Q . 33.19 -3.31 16.44
C2 PEG Q . 34.29 -4.33 14.52
O2 PEG Q . 34.64 -4.08 13.14
C3 PEG Q . 34.94 -5.25 12.43
C4 PEG Q . 35.51 -4.88 11.10
O4 PEG Q . 36.01 -6.00 10.38
H11 PEG Q . 34.49 -2.45 15.23
H12 PEG Q . 33.06 -2.72 14.55
HO1 PEG Q . 32.90 -2.57 16.75
H21 PEG Q . 33.60 -5.03 14.55
H22 PEG Q . 35.08 -4.64 15.01
H31 PEG Q . 34.13 -5.78 12.30
H32 PEG Q . 35.59 -5.78 12.93
H41 PEG Q . 36.24 -4.24 11.23
H42 PEG Q . 34.80 -4.46 10.56
HO4 PEG Q . 35.90 -6.70 10.84
C2 PEG R . 29.10 14.85 -1.10
O2 PEG R . 29.77 13.97 -2.01
C3 PEG R . 30.26 12.78 -1.41
C4 PEG R . 31.33 12.14 -2.24
O4 PEG R . 32.49 11.81 -1.49
H1 PEG R . 29.74 15.18 -0.43
H22 PEG R . 28.72 15.60 -1.58
H31 PEG R . 30.61 13.00 -0.53
H32 PEG R . 29.50 12.15 -1.30
H41 PEG R . 30.95 11.33 -2.64
H42 PEG R . 31.56 12.78 -2.95
HO4 PEG R . 33.06 11.46 -2.00
C1 EDO S . 25.38 15.70 1.96
O1 EDO S . 25.61 15.30 3.30
C2 EDO S . 23.94 15.64 1.63
O2 EDO S . 23.51 16.76 0.92
H11 EDO S . 25.87 15.11 1.36
H12 EDO S . 25.69 16.62 1.86
HO1 EDO S . 26.43 15.33 3.48
H21 EDO S . 23.43 15.59 2.47
H22 EDO S . 23.78 14.85 1.09
HO2 EDO S . 24.15 17.29 0.79
C2 PEG T . 17.09 15.19 7.33
O2 PEG T . 17.68 14.86 6.07
C3 PEG T . 17.18 15.66 5.00
C4 PEG T . 17.70 15.21 3.66
O4 PEG T . 16.89 15.67 2.56
H22 PEG T . 16.12 15.05 7.29
H22 PEG T . 17.26 16.13 7.54
H31 PEG T . 17.43 16.59 5.12
H32 PEG T . 16.20 15.59 4.97
H41 PEG T . 17.72 14.23 3.64
H42 PEG T . 18.60 15.57 3.54
HO4 PEG T . 16.24 16.12 2.87
C1 PGE U . 2.60 12.53 4.70
O1 PGE U . 2.71 13.90 4.30
C2 PGE U . 3.50 12.18 5.83
O2 PGE U . 4.63 11.46 5.34
C3 PGE U . 5.56 11.13 6.36
C4 PGE U . 6.93 10.94 5.74
O4 PGE U . 8.90 14.60 5.40
C6 PGE U . 8.73 13.61 4.42
C5 PGE U . 8.78 12.25 4.99
O3 PGE U . 7.73 12.09 5.95
H1 PGE U . 2.82 11.95 3.94
H12 PGE U . 1.67 12.36 4.98
HO1 PGE U . 2.19 14.04 3.66
H2 PGE U . 3.01 11.61 6.47
H22 PGE U . 3.80 12.99 6.28
H3 PGE U . 5.29 10.30 6.82
H32 PGE U . 5.61 11.86 7.02
H4 PGE U . 6.83 10.78 4.79
H42 PGE U . 7.37 10.16 6.16
HO4 PGE U . 9.01 14.24 6.16
H6 PGE U . 9.45 13.69 3.76
H62 PGE U . 7.86 13.73 3.99
H5 PGE U . 9.64 12.09 5.44
H52 PGE U . 8.67 11.57 4.29
C1 EDO V . 3.38 20.06 -1.40
O1 EDO V . 2.60 21.07 -0.75
C2 EDO V . 4.01 20.54 -2.64
O2 EDO V . 5.32 20.08 -2.86
H11 EDO V . 2.79 19.31 -1.63
H12 EDO V . 4.08 19.76 -0.79
HO1 EDO V . 2.26 20.75 -0.05
H21 EDO V . 4.05 21.52 -2.62
H22 EDO V . 3.47 20.25 -3.41
HO2 EDO V . 5.55 19.57 -2.21
C1 EDO W . -16.53 19.86 15.00
O1 EDO W . -17.77 19.17 14.96
C2 EDO W . -15.38 18.99 14.62
O2 EDO W . -15.02 19.03 13.24
H11 EDO W . -16.38 20.19 15.90
H12 EDO W . -16.57 20.61 14.36
HO1 EDO W . -18.38 19.70 15.18
H21 EDO W . -15.58 18.07 14.83
H22 EDO W . -14.58 19.28 15.12
HO2 EDO W . -15.55 19.55 12.83
C1 PEG X . -18.28 22.20 9.08
O1 PEG X . -18.05 23.36 9.87
C2 PEG X . -18.25 22.48 7.61
O2 PEG X . -19.56 22.38 7.08
C3 PEG X . -19.67 22.71 5.68
C4 PEG X . -21.05 22.38 5.17
O4 PEG X . -21.43 21.03 5.41
H11 PEG X . -19.16 21.83 9.29
H12 PEG X . -17.59 21.53 9.27
HO1 PEG X . -18.09 23.15 10.69
H21 PEG X . -17.66 21.82 7.17
H22 PEG X . -17.89 23.38 7.45
H31 PEG X . -19.01 22.20 5.17
H32 PEG X . -19.50 23.68 5.56
H41 PEG X . -21.07 22.52 4.19
H42 PEG X . -21.71 22.97 5.60
HO4 PEG X . -20.81 20.64 5.82
C12 1PE Y . -28.77 15.03 -0.93
C22 1PE Y . -27.59 14.97 0.06
OH3 1PE Y . -26.32 15.03 -0.61
C13 1PE Y . -24.01 16.00 -0.45
C23 1PE Y . -25.22 15.36 0.26
OH4 1PE Y . -23.39 17.05 0.34
C14 1PE Y . -23.08 19.50 0.73
C24 1PE Y . -23.53 18.37 -0.23
OH5 1PE Y . -23.68 20.78 0.43
C15 1PE Y . -22.27 22.79 0.83
C25 1PE Y . -22.77 21.73 -0.17
OH6 1PE Y . -20.90 23.19 0.63
C16 1PE Y . -18.54 23.15 1.54
C26 1PE Y . -20.06 23.01 1.80
OH7 1PE Y . -17.75 22.81 2.70
H121 1PE Y . -28.72 15.95 -1.50
H122 1PE Y . -29.71 14.98 -0.37
H221 1PE Y . -27.68 15.83 0.74
H222 1PE Y . -27.68 14.05 0.64
H131 1PE Y . -23.29 15.22 -0.67
H132 1PE Y . -24.37 16.43 -1.40
H231 1PE Y . -25.60 16.05 1.02
H232 1PE Y . -24.90 14.44 0.75
H141 1PE Y . -23.34 19.20 1.74
H142 1PE Y . -21.99 19.57 0.63
H241 1PE Y . -22.95 18.40 -1.15
H242 1PE Y . -24.59 18.51 -0.47
H151 1PE Y . -22.92 23.66 0.72
H152 1PE Y . -22.37 22.36 1.83
H251 1PE Y . -21.92 21.16 -0.56
H252 1PE Y . -23.29 22.21 -0.99
H161 1PE Y . -18.27 22.49 0.71
H162 1PE Y . -18.34 24.19 1.26
H261 1PE Y . -20.37 23.74 2.54
H262 1PE Y . -20.26 22.00 2.17
HO7 1PE Y . -18.33 22.56 3.43
C1 EDO Z . -3.29 1.50 24.85
O1 EDO Z . -4.03 2.69 25.02
C2 EDO Z . -3.90 0.56 23.91
O2 EDO Z . -3.00 -0.39 23.41
H11 EDO Z . -3.21 1.06 25.73
H12 EDO Z . -2.40 1.73 24.52
HO1 EDO Z . -3.64 3.19 25.57
H21 EDO Z . -4.27 1.06 23.15
H22 EDO Z . -4.63 0.08 24.37
HO2 EDO Z . -2.23 -0.26 23.75
C1 EDO AA . -18.46 20.74 11.89
O1 EDO AA . -19.17 20.30 13.04
C2 EDO AA . -17.13 20.08 11.70
O2 EDO AA . -15.99 20.88 11.93
H11 EDO AA . -18.29 21.70 11.96
H12 EDO AA . -18.99 20.54 11.09
HO1 EDO AA . -19.91 20.72 13.09
H21 EDO AA . -17.06 19.77 10.77
H22 EDO AA . -17.06 19.32 12.31
HO2 EDO AA . -16.23 21.65 12.16
C1 EDO BA . 36.89 -6.79 -4.49
O1 EDO BA . 37.99 -7.68 -4.27
C2 EDO BA . 36.85 -6.18 -5.83
O2 EDO BA . 35.53 -6.03 -6.36
H11 EDO BA . 36.94 -6.06 -3.83
H12 EDO BA . 36.05 -7.29 -4.36
HO1 EDO BA . 37.95 -7.99 -3.49
H21 EDO BA . 37.35 -6.74 -6.45
H22 EDO BA . 37.25 -5.29 -5.79
HO2 EDO BA . 34.97 -6.33 -5.80
C1 EDO CA . 33.56 5.83 -15.60
O1 EDO CA . 34.51 6.58 -14.81
C2 EDO CA . 33.45 6.12 -17.06
O2 EDO CA . 32.48 5.31 -17.70
H11 EDO CA . 32.65 5.97 -15.24
H12 EDO CA . 33.78 4.87 -15.56
HO1 EDO CA . 34.47 6.32 -14.01
H21 EDO CA . 34.31 5.96 -17.48
H22 EDO CA . 33.18 7.05 -17.18
HO2 EDO CA . 32.14 4.79 -17.14
C1 PEG DA . -13.46 -17.41 -7.86
O1 PEG DA . -13.66 -17.05 -6.47
C2 PEG DA . -12.00 -17.40 -8.25
O2 PEG DA . -11.72 -16.45 -9.28
C3 PEG DA . -11.67 -15.07 -8.90
C4 PEG DA . -12.78 -14.30 -9.59
O4 PEG DA . -12.39 -13.09 -10.29
H11 PEG DA . -13.94 -16.78 -8.43
H12 PEG DA . -13.80 -18.32 -8.01
HO1 PEG DA . -14.48 -17.07 -6.30
H21 PEG DA . -11.73 -18.28 -8.57
H22 PEG DA . -11.45 -17.16 -7.47
H31 PEG DA . -10.81 -14.68 -9.14
H32 PEG DA . -11.78 -15.00 -7.93
H41 PEG DA . -13.45 -14.02 -8.92
H42 PEG DA . -13.20 -14.87 -10.27
HO4 PEG DA . -11.56 -12.97 -10.21
C1 EDO EA . -11.42 8.63 -15.51
O1 EDO EA . -11.86 9.25 -14.32
C2 EDO EA . -12.51 8.48 -16.49
O2 EDO EA . -12.42 7.32 -17.27
H11 EDO EA . -11.07 7.74 -15.30
H12 EDO EA . -10.71 9.18 -15.91
HO1 EDO EA . -11.22 9.33 -13.78
H21 EDO EA . -12.50 9.25 -17.09
H22 EDO EA . -13.36 8.44 -16.01
HO2 EDO EA . -11.72 6.89 -17.05
C1 EDO FA . -5.01 9.72 -14.42
O1 EDO FA . -6.11 10.55 -14.07
C2 EDO FA . -4.42 9.89 -15.77
O2 EDO FA . -3.07 10.36 -15.76
H11 EDO FA . -5.29 8.79 -14.37
H12 EDO FA . -4.27 9.88 -13.80
HO1 EDO FA . -6.36 10.37 -13.27
H21 EDO FA . -4.96 10.54 -16.27
H22 EDO FA . -4.44 9.02 -16.23
HO2 EDO FA . -2.83 10.46 -14.95
C12 1PE GA . -6.15 9.52 -18.23
C22 1PE GA . -7.40 8.73 -18.58
OH3 1PE GA . -7.38 8.39 -19.98
C13 1PE GA . -7.78 6.36 -21.40
C23 1PE GA . -8.37 7.51 -20.56
OH4 1PE GA . -8.57 5.14 -21.25
C14 1PE GA . -10.06 3.27 -21.87
C24 1PE GA . -9.53 4.69 -22.25
OH5 1PE GA . -10.90 3.40 -20.71
C15 1PE GA . -12.07 2.80 -18.67
C25 1PE GA . -10.97 2.42 -19.69
OH6 1PE GA . -13.37 2.48 -19.09
C26 1PE GA . -14.49 2.94 -18.30
H121 1PE GA . -5.26 8.92 -18.43
H122 1PE GA . -6.17 9.78 -17.17
H221 1PE GA . -7.44 7.81 -17.99
H222 1PE GA . -8.29 9.33 -18.38
H131 1PE GA . -7.78 6.66 -22.45
H132 1PE GA . -6.76 6.18 -21.06
H231 1PE GA . -8.95 7.10 -19.73
H232 1PE GA . -9.01 8.12 -21.19
H141 1PE GA . -10.63 2.86 -22.70
H142 1PE GA . -9.22 2.62 -21.64
H241 1PE GA . -10.36 5.40 -22.29
H242 1PE GA . -9.04 4.65 -23.23
H151 1PE GA . -11.84 2.29 -17.74
H152 1PE GA . -11.99 3.88 -18.52
H251 1PE GA . -11.23 1.45 -20.14
H252 1PE GA . -10.01 2.35 -19.18
H261 1PE GA . -15.21 3.44 -18.95
H262 1PE GA . -14.13 3.66 -17.55
C1 EDO HA . 13.55 2.04 -21.35
O1 EDO HA . 12.40 1.26 -21.11
C2 EDO HA . 13.63 3.11 -20.35
O2 EDO HA . 14.25 4.30 -20.77
H11 EDO HA . 13.47 2.42 -22.25
H12 EDO HA . 14.34 1.46 -21.30
HO1 EDO HA . 12.35 0.64 -21.68
H21 EDO HA . 14.14 2.78 -19.58
H22 EDO HA . 12.72 3.35 -20.07
HO2 EDO HA . 14.50 4.22 -21.57
S SO4 IA . 35.36 12.75 -5.63
O1 SO4 IA . 36.49 13.54 -5.20
O2 SO4 IA . 35.82 11.59 -6.34
O3 SO4 IA . 34.60 12.36 -4.47
O4 SO4 IA . 34.54 13.56 -6.51
#